data_4V0R
#
_entry.id   4V0R
#
_cell.length_a   94.860
_cell.length_b   150.970
_cell.length_c   69.280
_cell.angle_alpha   90.00
_cell.angle_beta   90.00
_cell.angle_gamma   90.00
#
_symmetry.space_group_name_H-M   'P 21 21 2'
#
loop_
_entity.id
_entity.type
_entity.pdbx_description
1 polymer 'NS5 POLYMERASE'
2 non-polymer 'ZINC ION'
3 non-polymer S-ADENOSYL-L-HOMOCYSTEINE
4 non-polymer "GUANOSINE-5'-TRIPHOSPHATE"
5 non-polymer 'MAGNESIUM ION'
6 non-polymer 'FORMIC ACID'
7 non-polymer GLYCEROL
8 water water
#
_entity_poly.entity_id   1
_entity_poly.type   'polypeptide(L)'
_entity_poly.pdbx_seq_one_letter_code
;SMGETLGEKWKKKLNQLSRKEFDLYKKSGITEVDRTEAKEGLKRGETTHHAVSRGSAKLQWFVERNMVIPEGRVIDLGCG
RGGWSYYCAGLKKVTEVRGYTKGGPGHEEPVPMSTYGWNIVKLMSGKDVFYLPPEKCDTLLCDIGESSPSPTVEESRTIR
VLKMVEPWLKNNQFCIKVLNPYMPTVIEHLERLQRKHGGMLVRNPLSRNSTHEMYWISNGTGNIVSSVNMVSRLLLNRFT
MTHRRPTIEKDVDLGAGTRHVNAEPETPNMDVIGERIKRIKEEHNSTWHYDDENPYKTWAYHGSYEVKATGSASSMINGV
VKLLTKPWDVVPMVTQMAMTDTTPFGQQRVFKEKVDTRTPRPLPGTRKVMEITAEWLWRTLGRNKRPRLCTREEFTKKVR
TNAAMGAVFTEENQYDSAKAAVEDEEFWKLVDRERELHKLGKCGSCVYNMMGKREKKLGEFGKAKGSRAIWYMWLGVRYL
EFEALGFLNEDHWFSRENSYSGVEGEGLHKLGYILRDISKIPGGAMYADDTAGWDTRITEDDLHNEEKIIQQMDPEHRQL
ANAIFKLTYQNKVVKVQRPTPTGTVMDIISRKDQRGSGQVGTYGLNTFTNMEAQLVRQMEGEGVLTKADLENPHLLEKKI
TQWLETKGVERLKRMAISGDDCVVKPIDDRFANALLALNDMGKVRKDIPQWQPSKGWHDWQQVPFCSHHFHELIMKDGRK
LVVPCRPQDELIGRARISQGAGWSLRETACLGKAYAQMWSLMYFHRRDLRLASNAICSAVPVHWVPTSRTTWSIHAHHQW
MTTEDMLTVWNRVWIEENPWMEDKTPVTTWENVPYLGKREDQWCGSLIGLTSRATWAQNIPTAIQQVRSLIGNEEFLDYM
PSMKRFRKEEES
;
_entity_poly.pdbx_strand_id   A
#
loop_
_chem_comp.id
_chem_comp.type
_chem_comp.name
_chem_comp.formula
FMT non-polymer 'FORMIC ACID' 'C H2 O2'
GOL non-polymer GLYCEROL 'C3 H8 O3'
GTP non-polymer GUANOSINE-5'-TRIPHOSPHATE 'C10 H16 N5 O14 P3'
MG non-polymer 'MAGNESIUM ION' 'Mg 2'
SAH non-polymer S-ADENOSYL-L-HOMOCYSTEINE 'C14 H20 N6 O5 S'
ZN non-polymer 'ZINC ION' 'Zn 2'
#
# COMPACT_ATOMS: atom_id res chain seq x y z
N GLY A 3 -27.55 6.10 -45.28
CA GLY A 3 -27.32 6.57 -43.93
C GLY A 3 -26.37 5.66 -43.17
N GLU A 4 -25.16 5.52 -43.68
CA GLU A 4 -24.13 4.67 -43.06
C GLU A 4 -23.66 5.30 -41.74
N THR A 5 -23.94 4.61 -40.64
CA THR A 5 -23.78 5.16 -39.29
C THR A 5 -22.34 5.57 -38.93
N LEU A 6 -22.21 6.34 -37.85
CA LEU A 6 -20.91 6.83 -37.40
C LEU A 6 -19.93 5.71 -37.06
N GLY A 7 -20.47 4.61 -36.53
CA GLY A 7 -19.66 3.45 -36.21
C GLY A 7 -19.10 2.82 -37.47
N GLU A 8 -19.92 2.78 -38.52
CA GLU A 8 -19.50 2.22 -39.80
C GLU A 8 -18.47 3.11 -40.48
N LYS A 9 -18.59 4.44 -40.31
CA LYS A 9 -17.54 5.36 -40.76
C LYS A 9 -16.24 5.13 -40.02
N TRP A 10 -16.32 5.02 -38.70
CA TRP A 10 -15.16 4.75 -37.87
C TRP A 10 -14.49 3.44 -38.29
N LYS A 11 -15.30 2.43 -38.58
CA LYS A 11 -14.80 1.15 -39.01
C LYS A 11 -14.12 1.28 -40.37
N LYS A 12 -14.76 2.00 -41.28
CA LYS A 12 -14.21 2.23 -42.60
C LYS A 12 -12.88 2.97 -42.54
N LYS A 13 -12.79 3.97 -41.66
CA LYS A 13 -11.52 4.67 -41.45
C LYS A 13 -10.48 3.80 -40.75
N LEU A 14 -10.93 2.95 -39.83
CA LEU A 14 -10.01 2.11 -39.07
C LEU A 14 -9.26 1.12 -39.97
N ASN A 15 -9.95 0.61 -40.98
CA ASN A 15 -9.36 -0.36 -41.89
C ASN A 15 -8.43 0.31 -42.90
N GLN A 16 -8.73 1.57 -43.22
CA GLN A 16 -7.96 2.31 -44.22
C GLN A 16 -6.67 2.91 -43.64
N LEU A 17 -6.17 2.30 -42.57
CA LEU A 17 -5.03 2.83 -41.84
C LEU A 17 -3.71 2.12 -42.16
N SER A 18 -2.61 2.86 -42.07
CA SER A 18 -1.28 2.25 -42.13
C SER A 18 -1.09 1.38 -40.90
N ARG A 19 -0.18 0.43 -40.98
CA ARG A 19 0.03 -0.52 -39.88
C ARG A 19 0.50 0.19 -38.62
N LYS A 20 1.40 1.15 -38.77
CA LYS A 20 1.94 1.88 -37.63
C LYS A 20 1.04 3.04 -37.25
N GLU A 21 0.26 3.51 -38.22
CA GLU A 21 -0.76 4.51 -37.96
C GLU A 21 -1.90 3.84 -37.19
N PHE A 22 -1.99 2.53 -37.35
CA PHE A 22 -2.96 1.71 -36.62
C PHE A 22 -2.47 1.41 -35.20
N ASP A 23 -1.22 0.97 -35.09
CA ASP A 23 -0.63 0.66 -33.79
C ASP A 23 -0.64 1.87 -32.87
N LEU A 24 -0.47 3.05 -33.46
CA LEU A 24 -0.57 4.30 -32.73
C LEU A 24 -1.99 4.52 -32.20
N TYR A 25 -2.96 4.43 -33.10
CA TYR A 25 -4.34 4.77 -32.80
C TYR A 25 -5.00 3.82 -31.79
N LYS A 26 -4.70 2.52 -31.90
CA LYS A 26 -5.42 1.52 -31.12
C LYS A 26 -5.20 1.66 -29.62
N LYS A 27 -4.15 2.38 -29.22
CA LYS A 27 -3.86 2.55 -27.80
C LYS A 27 -3.91 4.01 -27.37
N SER A 28 -4.19 4.90 -28.32
CA SER A 28 -4.13 6.33 -28.05
C SER A 28 -5.15 6.80 -27.01
N GLY A 29 -4.66 7.15 -25.83
CA GLY A 29 -5.49 7.75 -24.79
C GLY A 29 -6.29 6.79 -23.96
N ILE A 30 -6.10 5.49 -24.18
CA ILE A 30 -6.88 4.49 -23.45
C ILE A 30 -6.27 4.19 -22.08
N THR A 31 -7.00 3.47 -21.26
CA THR A 31 -6.50 3.03 -19.95
C THR A 31 -5.99 1.61 -20.07
N GLU A 32 -4.87 1.33 -19.42
CA GLU A 32 -4.19 0.05 -19.57
C GLU A 32 -3.49 -0.40 -18.29
N VAL A 33 -3.64 -1.67 -17.95
CA VAL A 33 -3.05 -2.22 -16.73
C VAL A 33 -1.65 -2.75 -17.01
N ASP A 34 -0.74 -2.56 -16.06
CA ASP A 34 0.62 -3.06 -16.18
C ASP A 34 0.67 -4.55 -15.82
N ARG A 35 0.86 -5.39 -16.82
CA ARG A 35 0.79 -6.83 -16.66
C ARG A 35 2.15 -7.49 -16.47
N THR A 36 3.21 -6.67 -16.46
CA THR A 36 4.58 -7.18 -16.45
C THR A 36 4.88 -8.15 -15.30
N GLU A 37 4.53 -7.75 -14.08
CA GLU A 37 4.76 -8.60 -12.92
C GLU A 37 3.94 -9.88 -13.00
N ALA A 38 2.67 -9.75 -13.37
CA ALA A 38 1.77 -10.88 -13.46
C ALA A 38 2.26 -11.93 -14.47
N LYS A 39 2.61 -11.47 -15.67
CA LYS A 39 3.08 -12.37 -16.73
C LYS A 39 4.36 -13.08 -16.32
N GLU A 40 5.25 -12.37 -15.64
CA GLU A 40 6.50 -12.94 -15.16
C GLU A 40 6.23 -13.95 -14.05
N GLY A 41 5.29 -13.61 -13.18
CA GLY A 41 4.88 -14.50 -12.10
C GLY A 41 4.19 -15.72 -12.64
N LEU A 42 3.27 -15.53 -13.58
CA LEU A 42 2.54 -16.65 -14.19
C LEU A 42 3.46 -17.62 -14.92
N LYS A 43 4.53 -17.10 -15.53
CA LYS A 43 5.46 -17.94 -16.27
C LYS A 43 6.33 -18.78 -15.34
N ARG A 44 6.47 -18.34 -14.10
CA ARG A 44 7.18 -19.13 -13.10
C ARG A 44 6.23 -20.05 -12.34
N GLY A 45 4.97 -20.06 -12.76
CA GLY A 45 3.98 -20.98 -12.21
C GLY A 45 3.38 -20.57 -10.88
N GLU A 46 3.51 -19.31 -10.52
CA GLU A 46 2.91 -18.80 -9.30
C GLU A 46 1.39 -18.82 -9.41
N THR A 47 0.72 -19.16 -8.31
CA THR A 47 -0.73 -19.34 -8.34
C THR A 47 -1.48 -18.40 -7.41
N THR A 48 -0.76 -17.48 -6.77
CA THR A 48 -1.39 -16.54 -5.84
C THR A 48 -1.24 -15.10 -6.33
N HIS A 49 -2.15 -14.25 -5.88
CA HIS A 49 -2.13 -12.79 -6.11
C HIS A 49 -2.40 -12.36 -7.55
N HIS A 50 -1.78 -13.04 -8.50
CA HIS A 50 -1.84 -12.61 -9.90
C HIS A 50 -3.21 -12.78 -10.54
N ALA A 51 -3.63 -11.77 -11.30
CA ALA A 51 -4.75 -11.91 -12.20
C ALA A 51 -4.30 -12.76 -13.37
N VAL A 52 -5.14 -13.69 -13.80
CA VAL A 52 -4.74 -14.62 -14.83
C VAL A 52 -4.70 -13.96 -16.21
N SER A 53 -5.33 -12.79 -16.32
CA SER A 53 -5.36 -12.04 -17.56
C SER A 53 -5.75 -10.59 -17.30
N ARG A 54 -5.82 -9.79 -18.36
CA ARG A 54 -6.26 -8.41 -18.25
C ARG A 54 -7.74 -8.32 -17.93
N GLY A 55 -8.42 -9.46 -18.03
CA GLY A 55 -9.86 -9.51 -17.80
C GLY A 55 -10.29 -9.15 -16.39
N SER A 56 -9.51 -9.56 -15.39
CA SER A 56 -9.85 -9.26 -14.00
C SER A 56 -9.98 -7.76 -13.78
N ALA A 57 -9.03 -7.01 -14.33
CA ALA A 57 -9.03 -5.56 -14.21
C ALA A 57 -10.19 -4.94 -14.99
N LYS A 58 -10.51 -5.52 -16.13
CA LYS A 58 -11.59 -5.03 -16.97
C LYS A 58 -12.94 -5.13 -16.25
N LEU A 59 -13.18 -6.27 -15.61
CA LEU A 59 -14.40 -6.48 -14.86
C LEU A 59 -14.45 -5.58 -13.63
N GLN A 60 -13.29 -5.39 -13.00
CA GLN A 60 -13.16 -4.53 -11.84
C GLN A 60 -13.76 -3.14 -12.08
N TRP A 61 -13.50 -2.61 -13.26
CA TRP A 61 -13.99 -1.28 -13.63
C TRP A 61 -15.51 -1.20 -13.53
N PHE A 62 -16.19 -2.24 -13.98
CA PHE A 62 -17.66 -2.30 -13.91
C PHE A 62 -18.13 -2.43 -12.47
N VAL A 63 -17.54 -3.40 -11.76
CA VAL A 63 -17.93 -3.71 -10.38
C VAL A 63 -17.68 -2.53 -9.45
N GLU A 64 -16.54 -1.86 -9.64
CA GLU A 64 -16.21 -0.64 -8.89
C GLU A 64 -17.37 0.34 -8.85
N ARG A 65 -17.97 0.56 -10.02
CA ARG A 65 -19.00 1.55 -10.19
C ARG A 65 -20.40 0.98 -10.05
N ASN A 66 -20.48 -0.20 -9.45
CA ASN A 66 -21.75 -0.87 -9.20
C ASN A 66 -22.60 -1.08 -10.45
N MET A 67 -21.94 -1.10 -11.61
CA MET A 67 -22.65 -1.33 -12.87
C MET A 67 -23.14 -2.77 -12.93
N VAL A 68 -22.41 -3.66 -12.27
CA VAL A 68 -22.87 -5.02 -12.02
C VAL A 68 -22.36 -5.42 -10.63
N ILE A 69 -23.23 -6.01 -9.84
CA ILE A 69 -22.86 -6.43 -8.49
C ILE A 69 -22.99 -7.94 -8.36
N PRO A 70 -21.90 -8.65 -8.68
CA PRO A 70 -21.90 -10.12 -8.62
C PRO A 70 -22.34 -10.63 -7.25
N GLU A 71 -23.23 -11.62 -7.27
CA GLU A 71 -23.81 -12.14 -6.03
C GLU A 71 -24.38 -13.54 -6.26
N GLY A 72 -24.52 -14.29 -5.17
CA GLY A 72 -25.04 -15.65 -5.22
C GLY A 72 -24.25 -16.54 -6.15
N ARG A 73 -24.97 -17.31 -6.97
CA ARG A 73 -24.32 -18.15 -7.97
C ARG A 73 -23.99 -17.34 -9.22
N VAL A 74 -22.69 -17.17 -9.47
CA VAL A 74 -22.24 -16.47 -10.66
C VAL A 74 -21.90 -17.46 -11.77
N ILE A 75 -22.43 -17.23 -12.96
CA ILE A 75 -22.07 -18.03 -14.12
C ILE A 75 -21.32 -17.17 -15.13
N ASP A 76 -20.17 -17.66 -15.58
CA ASP A 76 -19.27 -16.90 -16.43
C ASP A 76 -19.08 -17.58 -17.78
N LEU A 77 -19.79 -17.07 -18.79
CA LEU A 77 -19.74 -17.64 -20.13
C LEU A 77 -18.50 -17.16 -20.88
N GLY A 78 -17.81 -18.10 -21.53
CA GLY A 78 -16.55 -17.80 -22.17
C GLY A 78 -15.53 -17.32 -21.15
N CYS A 79 -15.36 -18.10 -20.08
CA CYS A 79 -14.50 -17.69 -18.97
C CYS A 79 -13.04 -17.58 -19.37
N GLY A 80 -12.65 -18.33 -20.40
CA GLY A 80 -11.27 -18.34 -20.86
C GLY A 80 -10.32 -18.80 -19.77
N ARG A 81 -9.25 -18.03 -19.55
CA ARG A 81 -8.28 -18.33 -18.50
C ARG A 81 -8.93 -18.21 -17.13
N GLY A 82 -9.95 -17.37 -17.04
CA GLY A 82 -10.75 -17.26 -15.82
C GLY A 82 -10.66 -15.93 -15.10
N GLY A 83 -10.22 -14.89 -15.81
CA GLY A 83 -10.02 -13.58 -15.21
C GLY A 83 -11.23 -13.03 -14.47
N TRP A 84 -12.40 -13.14 -15.10
CA TRP A 84 -13.63 -12.64 -14.48
C TRP A 84 -14.07 -13.50 -13.31
N SER A 85 -13.88 -14.81 -13.45
CA SER A 85 -14.32 -15.76 -12.43
C SER A 85 -13.53 -15.63 -11.14
N TYR A 86 -12.22 -15.50 -11.27
CA TYR A 86 -11.35 -15.39 -10.09
C TYR A 86 -11.59 -14.09 -9.34
N TYR A 87 -11.93 -13.02 -10.07
CA TYR A 87 -12.21 -11.74 -9.43
C TYR A 87 -13.49 -11.82 -8.61
N CYS A 88 -14.52 -12.44 -9.18
CA CYS A 88 -15.82 -12.57 -8.50
C CYS A 88 -15.73 -13.40 -7.23
N ALA A 89 -14.77 -14.33 -7.20
CA ALA A 89 -14.60 -15.25 -6.08
C ALA A 89 -14.39 -14.52 -4.74
N GLY A 90 -13.86 -13.31 -4.81
CA GLY A 90 -13.56 -12.56 -3.61
C GLY A 90 -14.55 -11.45 -3.30
N LEU A 91 -15.66 -11.44 -4.02
CA LEU A 91 -16.68 -10.41 -3.79
C LEU A 91 -17.66 -10.82 -2.70
N LYS A 92 -18.14 -9.82 -1.97
CA LYS A 92 -18.92 -10.03 -0.75
C LYS A 92 -20.07 -11.04 -0.85
N LYS A 93 -20.97 -10.83 -1.80
CA LYS A 93 -22.21 -11.61 -1.83
C LYS A 93 -22.13 -12.81 -2.78
N VAL A 94 -20.97 -13.02 -3.40
CA VAL A 94 -20.75 -14.17 -4.26
C VAL A 94 -20.53 -15.43 -3.42
N THR A 95 -21.24 -16.51 -3.77
CA THR A 95 -21.11 -17.76 -3.02
C THR A 95 -20.63 -18.92 -3.90
N GLU A 96 -20.77 -18.76 -5.22
CA GLU A 96 -20.29 -19.78 -6.15
C GLU A 96 -20.03 -19.19 -7.53
N VAL A 97 -18.93 -19.59 -8.15
CA VAL A 97 -18.61 -19.14 -9.49
C VAL A 97 -18.43 -20.31 -10.45
N ARG A 98 -19.26 -20.37 -11.47
CA ARG A 98 -19.14 -21.38 -12.51
C ARG A 98 -18.69 -20.77 -13.83
N GLY A 99 -17.57 -21.24 -14.34
CA GLY A 99 -17.06 -20.76 -15.61
C GLY A 99 -17.15 -21.82 -16.69
N TYR A 100 -17.66 -21.42 -17.85
CA TYR A 100 -17.70 -22.30 -19.01
C TYR A 100 -16.92 -21.68 -20.16
N THR A 101 -16.07 -22.48 -20.79
CA THR A 101 -15.34 -22.00 -21.97
C THR A 101 -15.09 -23.16 -22.92
N LYS A 102 -14.88 -22.83 -24.20
CA LYS A 102 -14.77 -23.84 -25.24
C LYS A 102 -13.47 -24.64 -25.11
N GLY A 103 -12.35 -23.94 -25.05
CA GLY A 103 -11.05 -24.60 -24.98
C GLY A 103 -10.67 -25.18 -26.33
N GLY A 104 -9.65 -26.02 -26.34
CA GLY A 104 -9.17 -26.61 -27.58
C GLY A 104 -8.33 -25.63 -28.38
N PRO A 105 -7.86 -26.06 -29.56
CA PRO A 105 -6.99 -25.26 -30.42
C PRO A 105 -7.59 -23.89 -30.77
N GLY A 106 -6.77 -22.85 -30.65
CA GLY A 106 -7.20 -21.50 -30.98
C GLY A 106 -8.04 -20.84 -29.91
N HIS A 107 -8.23 -21.52 -28.79
CA HIS A 107 -9.05 -20.99 -27.71
C HIS A 107 -8.33 -21.01 -26.37
N GLU A 108 -8.57 -19.98 -25.56
CA GLU A 108 -7.95 -19.87 -24.25
C GLU A 108 -8.42 -20.98 -23.33
N GLU A 109 -7.55 -21.35 -22.40
CA GLU A 109 -7.83 -22.46 -21.50
C GLU A 109 -7.83 -21.97 -20.05
N PRO A 110 -8.73 -22.53 -19.22
CA PRO A 110 -8.76 -22.17 -17.80
C PRO A 110 -7.40 -22.41 -17.13
N VAL A 111 -6.94 -21.43 -16.36
CA VAL A 111 -5.68 -21.55 -15.64
C VAL A 111 -5.95 -21.70 -14.16
N PRO A 112 -5.53 -22.84 -13.58
CA PRO A 112 -5.73 -23.08 -12.15
C PRO A 112 -4.96 -22.07 -11.31
N MET A 113 -5.62 -21.51 -10.30
CA MET A 113 -4.98 -20.55 -9.42
C MET A 113 -5.37 -20.83 -7.98
N SER A 114 -4.67 -20.17 -7.07
CA SER A 114 -4.94 -20.31 -5.63
C SER A 114 -5.21 -18.95 -5.03
N THR A 115 -5.67 -18.03 -5.86
CA THR A 115 -6.09 -16.72 -5.40
C THR A 115 -7.29 -16.86 -4.47
N TYR A 116 -7.58 -15.81 -3.71
CA TYR A 116 -8.60 -15.87 -2.67
C TYR A 116 -9.97 -16.27 -3.22
N GLY A 117 -10.54 -17.33 -2.65
CA GLY A 117 -11.84 -17.82 -3.06
C GLY A 117 -11.80 -18.88 -4.14
N TRP A 118 -10.62 -19.42 -4.41
CA TRP A 118 -10.47 -20.44 -5.45
C TRP A 118 -11.38 -21.64 -5.19
N ASN A 119 -11.67 -21.90 -3.92
CA ASN A 119 -12.46 -23.05 -3.51
C ASN A 119 -13.95 -22.94 -3.85
N ILE A 120 -14.36 -21.82 -4.44
CA ILE A 120 -15.74 -21.70 -4.91
C ILE A 120 -15.79 -21.40 -6.41
N VAL A 121 -14.65 -21.56 -7.06
CA VAL A 121 -14.54 -21.34 -8.50
C VAL A 121 -14.46 -22.67 -9.25
N LYS A 122 -15.43 -22.91 -10.13
CA LYS A 122 -15.46 -24.14 -10.92
C LYS A 122 -15.38 -23.81 -12.40
N LEU A 123 -14.16 -23.84 -12.94
CA LEU A 123 -13.95 -23.55 -14.35
C LEU A 123 -13.94 -24.84 -15.17
N MET A 124 -14.81 -24.90 -16.17
CA MET A 124 -14.89 -26.08 -17.03
C MET A 124 -14.55 -25.75 -18.47
N SER A 125 -13.60 -26.49 -19.02
CA SER A 125 -13.27 -26.39 -20.43
C SER A 125 -14.07 -27.42 -21.21
N GLY A 126 -14.00 -27.37 -22.54
CA GLY A 126 -14.77 -28.27 -23.38
C GLY A 126 -16.25 -27.96 -23.32
N LYS A 127 -16.57 -26.69 -23.04
CA LYS A 127 -17.96 -26.26 -22.89
C LYS A 127 -18.32 -25.16 -23.88
N ASP A 128 -18.96 -25.54 -24.99
CA ASP A 128 -19.44 -24.54 -25.95
C ASP A 128 -20.79 -24.02 -25.50
N VAL A 129 -20.84 -22.73 -25.17
CA VAL A 129 -22.02 -22.14 -24.56
C VAL A 129 -23.20 -22.05 -25.53
N PHE A 130 -22.93 -22.11 -26.83
CA PHE A 130 -23.98 -22.11 -27.83
C PHE A 130 -24.62 -23.48 -27.94
N TYR A 131 -24.13 -24.42 -27.13
CA TYR A 131 -24.64 -25.78 -27.10
C TYR A 131 -25.19 -26.08 -25.72
N LEU A 132 -25.18 -25.09 -24.85
CA LEU A 132 -25.57 -25.27 -23.45
C LEU A 132 -26.98 -24.79 -23.15
N PRO A 133 -27.76 -25.63 -22.46
CA PRO A 133 -29.05 -25.19 -21.91
C PRO A 133 -28.84 -24.21 -20.76
N PRO A 134 -29.59 -23.10 -20.75
CA PRO A 134 -29.52 -22.08 -19.69
C PRO A 134 -29.72 -22.66 -18.30
N GLU A 135 -29.07 -22.05 -17.31
CA GLU A 135 -29.19 -22.49 -15.92
C GLU A 135 -29.65 -21.34 -15.03
N LYS A 136 -30.15 -21.68 -13.84
CA LYS A 136 -30.47 -20.67 -12.85
C LYS A 136 -29.19 -20.06 -12.30
N CYS A 137 -29.16 -18.74 -12.21
CA CYS A 137 -28.03 -18.03 -11.61
C CYS A 137 -28.46 -16.65 -11.16
N ASP A 138 -27.68 -16.07 -10.24
CA ASP A 138 -27.97 -14.75 -9.71
C ASP A 138 -27.15 -13.70 -10.44
N THR A 139 -26.11 -14.15 -11.14
CA THR A 139 -25.25 -13.25 -11.90
C THR A 139 -24.80 -13.92 -13.19
N LEU A 140 -25.03 -13.25 -14.31
CA LEU A 140 -24.64 -13.79 -15.60
C LEU A 140 -23.56 -12.93 -16.25
N LEU A 141 -22.39 -13.51 -16.47
CA LEU A 141 -21.31 -12.80 -17.14
C LEU A 141 -21.01 -13.41 -18.48
N CYS A 142 -20.76 -12.57 -19.49
CA CYS A 142 -20.41 -13.06 -20.81
C CYS A 142 -19.47 -12.09 -21.51
N ASP A 143 -18.35 -12.59 -21.98
CA ASP A 143 -17.32 -11.76 -22.59
C ASP A 143 -16.92 -12.30 -23.96
N ILE A 144 -17.89 -12.86 -24.66
CA ILE A 144 -17.66 -13.50 -25.95
C ILE A 144 -17.89 -12.55 -27.11
N GLY A 145 -16.97 -12.56 -28.07
CA GLY A 145 -17.08 -11.72 -29.25
C GLY A 145 -15.79 -11.63 -30.04
N GLU A 146 -15.76 -12.27 -31.19
CA GLU A 146 -14.56 -12.25 -32.04
C GLU A 146 -14.65 -11.17 -33.10
N SER A 147 -13.63 -10.32 -33.15
CA SER A 147 -13.61 -9.21 -34.10
C SER A 147 -13.46 -9.68 -35.55
N SER A 148 -13.93 -8.84 -36.46
CA SER A 148 -13.77 -9.06 -37.88
C SER A 148 -13.74 -7.71 -38.59
N PRO A 149 -12.85 -7.57 -39.58
CA PRO A 149 -12.76 -6.33 -40.37
C PRO A 149 -14.07 -6.02 -41.10
N SER A 150 -14.97 -7.00 -41.19
CA SER A 150 -16.29 -6.78 -41.76
C SER A 150 -17.32 -6.55 -40.65
N PRO A 151 -18.01 -5.40 -40.70
CA PRO A 151 -19.04 -5.03 -39.73
C PRO A 151 -20.22 -5.99 -39.71
N THR A 152 -20.68 -6.41 -40.89
CA THR A 152 -21.82 -7.32 -40.98
C THR A 152 -21.49 -8.70 -40.42
N VAL A 153 -20.22 -9.07 -40.47
CA VAL A 153 -19.79 -10.32 -39.86
C VAL A 153 -19.89 -10.21 -38.35
N GLU A 154 -19.36 -9.11 -37.80
CA GLU A 154 -19.46 -8.83 -36.37
C GLU A 154 -20.92 -8.72 -35.96
N GLU A 155 -21.73 -8.13 -36.84
CA GLU A 155 -23.16 -7.98 -36.61
C GLU A 155 -23.82 -9.32 -36.29
N SER A 156 -23.57 -10.32 -37.13
CA SER A 156 -24.17 -11.63 -36.95
C SER A 156 -23.61 -12.34 -35.71
N ARG A 157 -22.32 -12.12 -35.43
CA ARG A 157 -21.70 -12.72 -34.25
C ARG A 157 -22.29 -12.13 -32.97
N THR A 158 -22.52 -10.82 -32.99
CA THR A 158 -23.10 -10.13 -31.85
C THR A 158 -24.54 -10.59 -31.59
N ILE A 159 -25.34 -10.64 -32.66
CA ILE A 159 -26.72 -11.09 -32.57
C ILE A 159 -26.80 -12.52 -32.03
N ARG A 160 -25.88 -13.36 -32.49
CA ARG A 160 -25.79 -14.74 -32.04
C ARG A 160 -25.56 -14.81 -30.52
N VAL A 161 -24.65 -13.98 -30.03
CA VAL A 161 -24.39 -13.89 -28.60
C VAL A 161 -25.63 -13.47 -27.83
N LEU A 162 -26.28 -12.40 -28.30
CA LEU A 162 -27.45 -11.84 -27.62
C LEU A 162 -28.60 -12.84 -27.51
N LYS A 163 -28.80 -13.63 -28.56
CA LYS A 163 -29.87 -14.61 -28.55
C LYS A 163 -29.50 -15.82 -27.69
N MET A 164 -28.22 -16.16 -27.68
CA MET A 164 -27.75 -17.24 -26.82
C MET A 164 -27.92 -16.85 -25.35
N VAL A 165 -27.60 -15.60 -25.06
CA VAL A 165 -27.44 -15.15 -23.69
C VAL A 165 -28.76 -14.72 -23.03
N GLU A 166 -29.74 -14.33 -23.83
CA GLU A 166 -31.00 -13.81 -23.31
C GLU A 166 -31.74 -14.80 -22.39
N PRO A 167 -31.86 -16.09 -22.77
CA PRO A 167 -32.58 -17.00 -21.86
C PRO A 167 -31.91 -17.20 -20.50
N TRP A 168 -30.66 -16.79 -20.35
CA TRP A 168 -29.98 -16.90 -19.06
C TRP A 168 -30.43 -15.80 -18.10
N LEU A 169 -31.09 -14.78 -18.63
CA LEU A 169 -31.45 -13.60 -17.84
C LEU A 169 -32.84 -13.70 -17.23
N LYS A 170 -32.91 -13.50 -15.93
CA LYS A 170 -34.17 -13.54 -15.20
C LYS A 170 -34.04 -12.82 -13.86
N ASN A 171 -34.32 -11.52 -13.88
CA ASN A 171 -34.23 -10.67 -12.69
C ASN A 171 -32.93 -10.88 -11.93
N ASN A 172 -31.83 -10.94 -12.65
CA ASN A 172 -30.53 -11.16 -12.05
C ASN A 172 -29.48 -10.19 -12.56
N GLN A 173 -28.35 -10.15 -11.87
CA GLN A 173 -27.23 -9.31 -12.28
C GLN A 173 -26.62 -9.83 -13.57
N PHE A 174 -26.16 -8.94 -14.43
CA PHE A 174 -25.45 -9.38 -15.62
C PHE A 174 -24.50 -8.33 -16.20
N CYS A 175 -23.49 -8.82 -16.89
CA CYS A 175 -22.55 -7.98 -17.61
C CYS A 175 -22.17 -8.70 -18.89
N ILE A 176 -22.68 -8.21 -20.02
CA ILE A 176 -22.58 -8.92 -21.28
C ILE A 176 -21.87 -8.09 -22.34
N LYS A 177 -20.81 -8.64 -22.91
CA LYS A 177 -20.06 -7.98 -23.98
C LYS A 177 -20.86 -7.91 -25.27
N VAL A 178 -21.04 -6.70 -25.78
CA VAL A 178 -21.67 -6.49 -27.07
C VAL A 178 -20.62 -6.08 -28.08
N LEU A 179 -20.14 -7.05 -28.86
CA LEU A 179 -19.01 -6.86 -29.77
C LEU A 179 -19.17 -5.66 -30.70
N ASN A 180 -20.21 -5.69 -31.52
CA ASN A 180 -20.51 -4.59 -32.42
C ASN A 180 -21.87 -4.01 -32.09
N PRO A 181 -21.89 -2.87 -31.37
CA PRO A 181 -23.15 -2.27 -30.93
C PRO A 181 -23.73 -1.19 -31.86
N TYR A 182 -23.01 -0.79 -32.90
CA TYR A 182 -23.45 0.35 -33.71
C TYR A 182 -24.26 -0.04 -34.95
N MET A 183 -24.16 -1.29 -35.39
CA MET A 183 -24.96 -1.76 -36.51
C MET A 183 -26.44 -1.67 -36.14
N PRO A 184 -27.25 -1.06 -37.02
CA PRO A 184 -28.66 -0.77 -36.77
C PRO A 184 -29.48 -1.96 -36.28
N THR A 185 -29.26 -3.14 -36.85
CA THR A 185 -29.99 -4.33 -36.43
C THR A 185 -29.65 -4.71 -35.00
N VAL A 186 -28.38 -4.58 -34.63
CA VAL A 186 -27.96 -4.83 -33.26
C VAL A 186 -28.59 -3.81 -32.31
N ILE A 187 -28.59 -2.54 -32.74
CA ILE A 187 -29.25 -1.47 -32.00
C ILE A 187 -30.70 -1.83 -31.71
N GLU A 188 -31.40 -2.31 -32.74
CA GLU A 188 -32.79 -2.69 -32.62
C GLU A 188 -33.00 -3.85 -31.66
N HIS A 189 -32.09 -4.83 -31.69
CA HIS A 189 -32.19 -5.98 -30.81
C HIS A 189 -31.95 -5.60 -29.35
N LEU A 190 -31.00 -4.69 -29.13
CA LEU A 190 -30.65 -4.27 -27.78
C LEU A 190 -31.79 -3.50 -27.13
N GLU A 191 -32.49 -2.69 -27.92
CA GLU A 191 -33.64 -1.94 -27.42
C GLU A 191 -34.74 -2.87 -26.97
N ARG A 192 -34.97 -3.92 -27.75
CA ARG A 192 -35.91 -4.97 -27.36
C ARG A 192 -35.45 -5.68 -26.10
N LEU A 193 -34.15 -5.94 -26.01
CA LEU A 193 -33.58 -6.59 -24.84
C LEU A 193 -33.70 -5.71 -23.61
N GLN A 194 -33.39 -4.43 -23.78
CA GLN A 194 -33.44 -3.47 -22.69
C GLN A 194 -34.87 -3.32 -22.14
N ARG A 195 -35.85 -3.43 -23.03
CA ARG A 195 -37.24 -3.27 -22.60
C ARG A 195 -37.71 -4.46 -21.78
N LYS A 196 -37.09 -5.62 -21.99
CA LYS A 196 -37.46 -6.81 -21.25
C LYS A 196 -36.63 -7.00 -19.99
N HIS A 197 -35.32 -6.77 -20.08
CA HIS A 197 -34.43 -7.06 -18.96
C HIS A 197 -33.80 -5.82 -18.33
N GLY A 198 -34.10 -4.65 -18.88
CA GLY A 198 -33.53 -3.42 -18.36
C GLY A 198 -32.06 -3.29 -18.72
N GLY A 199 -31.33 -2.50 -17.94
CA GLY A 199 -29.91 -2.35 -18.15
C GLY A 199 -29.55 -1.23 -19.11
N MET A 200 -28.25 -1.16 -19.47
CA MET A 200 -27.78 -0.13 -20.38
CA MET A 200 -27.74 -0.08 -20.31
C MET A 200 -26.39 -0.48 -20.92
N LEU A 201 -26.01 0.20 -22.00
CA LEU A 201 -24.70 -0.01 -22.62
C LEU A 201 -23.66 0.95 -22.04
N VAL A 202 -22.46 0.43 -21.80
CA VAL A 202 -21.37 1.21 -21.21
C VAL A 202 -20.05 0.91 -21.93
N ARG A 203 -19.26 1.95 -22.17
CA ARG A 203 -17.92 1.78 -22.73
C ARG A 203 -16.88 1.63 -21.64
N ASN A 204 -16.02 0.62 -21.77
CA ASN A 204 -14.94 0.41 -20.82
C ASN A 204 -13.64 1.05 -21.33
N PRO A 205 -13.04 1.93 -20.51
CA PRO A 205 -11.82 2.67 -20.86
C PRO A 205 -10.63 1.76 -21.16
N LEU A 206 -10.71 0.52 -20.69
CA LEU A 206 -9.60 -0.42 -20.89
C LEU A 206 -9.69 -1.07 -22.27
N SER A 207 -10.82 -0.87 -22.95
CA SER A 207 -10.97 -1.34 -24.32
C SER A 207 -10.10 -0.50 -25.26
N ARG A 208 -9.43 -1.16 -26.19
CA ARG A 208 -8.65 -0.45 -27.19
C ARG A 208 -9.57 0.31 -28.15
N ASN A 209 -9.00 1.28 -28.86
CA ASN A 209 -9.77 2.06 -29.82
C ASN A 209 -10.04 1.26 -31.09
N SER A 210 -9.39 0.10 -31.20
CA SER A 210 -9.55 -0.75 -32.37
C SER A 210 -10.84 -1.56 -32.32
N THR A 211 -11.59 -1.41 -31.24
CA THR A 211 -12.88 -2.06 -31.12
C THR A 211 -13.94 -1.11 -30.57
N HIS A 212 -15.17 -1.29 -31.03
CA HIS A 212 -16.28 -0.44 -30.63
C HIS A 212 -17.08 -1.12 -29.52
N GLU A 213 -16.51 -2.20 -28.97
CA GLU A 213 -17.18 -3.04 -27.99
C GLU A 213 -17.74 -2.25 -26.81
N MET A 214 -18.94 -2.63 -26.38
CA MET A 214 -19.53 -2.09 -25.17
C MET A 214 -20.11 -3.23 -24.35
N TYR A 215 -20.56 -2.91 -23.14
CA TYR A 215 -21.05 -3.93 -22.24
C TYR A 215 -22.46 -3.61 -21.76
N TRP A 216 -23.36 -4.55 -22.00
CA TRP A 216 -24.72 -4.47 -21.50
C TRP A 216 -24.72 -4.89 -20.03
N ILE A 217 -24.85 -3.91 -19.14
CA ILE A 217 -24.86 -4.18 -17.71
C ILE A 217 -26.26 -4.01 -17.14
N SER A 218 -26.57 -4.73 -16.06
CA SER A 218 -27.91 -4.74 -15.50
C SER A 218 -28.28 -3.50 -14.69
N ASN A 219 -27.29 -2.89 -14.03
CA ASN A 219 -27.57 -1.81 -13.11
C ASN A 219 -27.42 -0.43 -13.74
N GLY A 220 -28.47 0.00 -14.43
CA GLY A 220 -28.47 1.31 -15.05
C GLY A 220 -29.55 1.44 -16.10
N THR A 221 -29.94 2.68 -16.38
CA THR A 221 -30.86 2.96 -17.48
C THR A 221 -30.24 4.07 -18.32
N GLY A 222 -30.79 4.28 -19.51
CA GLY A 222 -30.24 5.28 -20.41
C GLY A 222 -30.52 4.96 -21.86
N ASN A 223 -30.18 5.89 -22.74
CA ASN A 223 -30.46 5.73 -24.16
C ASN A 223 -29.35 4.99 -24.90
N ILE A 224 -29.69 3.80 -25.41
CA ILE A 224 -28.75 2.95 -26.11
C ILE A 224 -28.17 3.62 -27.36
N VAL A 225 -29.03 4.17 -28.20
CA VAL A 225 -28.59 4.87 -29.40
C VAL A 225 -27.66 6.04 -29.07
N SER A 226 -27.97 6.76 -28.00
CA SER A 226 -27.15 7.89 -27.58
C SER A 226 -25.75 7.46 -27.16
N SER A 227 -25.66 6.50 -26.24
CA SER A 227 -24.38 6.07 -25.70
C SER A 227 -23.48 5.45 -26.77
N VAL A 228 -24.09 4.80 -27.76
CA VAL A 228 -23.33 4.18 -28.82
C VAL A 228 -22.62 5.22 -29.69
N ASN A 229 -23.37 6.24 -30.09
CA ASN A 229 -22.81 7.31 -30.90
C ASN A 229 -21.82 8.17 -30.11
N MET A 230 -22.04 8.27 -28.80
CA MET A 230 -21.11 8.96 -27.93
C MET A 230 -19.74 8.30 -27.98
N VAL A 231 -19.75 6.97 -28.04
CA VAL A 231 -18.52 6.20 -28.20
C VAL A 231 -17.97 6.35 -29.62
N SER A 232 -18.86 6.27 -30.60
CA SER A 232 -18.50 6.45 -32.00
C SER A 232 -17.76 7.77 -32.21
N ARG A 233 -18.37 8.85 -31.71
CA ARG A 233 -17.77 10.18 -31.79
C ARG A 233 -16.39 10.22 -31.15
N LEU A 234 -16.29 9.69 -29.93
CA LEU A 234 -15.04 9.65 -29.19
C LEU A 234 -13.96 8.91 -29.96
N LEU A 235 -14.32 7.77 -30.52
CA LEU A 235 -13.38 6.96 -31.30
C LEU A 235 -12.98 7.66 -32.60
N LEU A 236 -13.90 8.46 -33.13
CA LEU A 236 -13.63 9.23 -34.34
C LEU A 236 -12.66 10.38 -34.04
N ASN A 237 -12.92 11.10 -32.96
CA ASN A 237 -12.06 12.20 -32.54
C ASN A 237 -10.64 11.73 -32.24
N ARG A 238 -10.52 10.49 -31.75
CA ARG A 238 -9.22 9.95 -31.37
C ARG A 238 -8.38 9.58 -32.59
N PHE A 239 -8.95 9.70 -33.78
CA PHE A 239 -8.18 9.57 -35.01
C PHE A 239 -7.34 10.82 -35.24
N THR A 240 -8.00 11.96 -35.26
CA THR A 240 -7.40 13.24 -35.64
C THR A 240 -6.57 13.85 -34.51
N MET A 241 -7.03 13.64 -33.28
CA MET A 241 -6.36 14.20 -32.13
C MET A 241 -4.91 13.73 -31.99
N THR A 242 -4.09 14.51 -31.29
CA THR A 242 -2.68 14.17 -31.12
C THR A 242 -2.53 12.94 -30.22
N HIS A 243 -1.53 12.11 -30.50
CA HIS A 243 -1.38 10.84 -29.81
C HIS A 243 -1.06 10.99 -28.34
N ARG A 244 -1.82 10.28 -27.51
CA ARG A 244 -1.57 10.22 -26.07
C ARG A 244 -1.25 8.78 -25.68
N ARG A 245 -0.09 8.56 -25.08
CA ARG A 245 0.27 7.22 -24.64
C ARG A 245 -0.68 6.78 -23.52
N PRO A 246 -0.96 5.46 -23.44
CA PRO A 246 -1.96 4.91 -22.52
C PRO A 246 -1.77 5.33 -21.07
N THR A 247 -2.89 5.57 -20.37
CA THR A 247 -2.86 5.79 -18.94
C THR A 247 -2.59 4.45 -18.25
N ILE A 248 -1.40 4.32 -17.68
CA ILE A 248 -1.01 3.05 -17.07
C ILE A 248 -1.58 2.92 -15.66
N GLU A 249 -2.19 1.77 -15.40
CA GLU A 249 -2.87 1.52 -14.14
C GLU A 249 -2.26 0.29 -13.46
N LYS A 250 -2.26 0.28 -12.13
CA LYS A 250 -1.74 -0.86 -11.38
C LYS A 250 -2.68 -2.06 -11.53
N ASP A 251 -2.10 -3.24 -11.74
CA ASP A 251 -2.91 -4.45 -11.91
C ASP A 251 -3.51 -4.90 -10.58
N VAL A 252 -4.48 -5.79 -10.68
CA VAL A 252 -5.24 -6.29 -9.54
C VAL A 252 -4.45 -7.30 -8.68
N ASP A 253 -4.71 -7.29 -7.38
CA ASP A 253 -4.18 -8.31 -6.48
C ASP A 253 -5.32 -9.12 -5.87
N LEU A 254 -5.39 -10.40 -6.23
CA LEU A 254 -6.53 -11.22 -5.85
C LEU A 254 -6.28 -12.09 -4.62
N GLY A 255 -5.19 -11.84 -3.91
CA GLY A 255 -4.93 -12.50 -2.65
C GLY A 255 -4.60 -13.97 -2.78
N ALA A 256 -4.93 -14.75 -1.75
CA ALA A 256 -4.59 -16.16 -1.71
C ALA A 256 -5.43 -16.92 -0.67
N GLY A 257 -5.58 -18.22 -0.89
CA GLY A 257 -6.18 -19.08 0.12
C GLY A 257 -7.66 -19.33 -0.05
N THR A 258 -8.19 -20.22 0.77
CA THR A 258 -9.61 -20.58 0.71
C THR A 258 -10.47 -19.49 1.33
N ARG A 259 -11.68 -19.33 0.80
CA ARG A 259 -12.62 -18.37 1.35
C ARG A 259 -13.75 -19.08 2.06
N HIS A 260 -13.91 -18.78 3.35
CA HIS A 260 -15.04 -19.27 4.12
C HIS A 260 -15.96 -18.10 4.39
N VAL A 261 -17.01 -17.98 3.58
CA VAL A 261 -17.88 -16.81 3.58
C VAL A 261 -18.51 -16.53 4.94
N ASN A 262 -18.89 -17.58 5.65
CA ASN A 262 -19.59 -17.42 6.92
C ASN A 262 -18.67 -16.97 8.05
N ALA A 263 -17.36 -17.03 7.82
CA ALA A 263 -16.40 -16.58 8.81
C ALA A 263 -15.97 -15.14 8.57
N GLU A 264 -16.47 -14.54 7.48
CA GLU A 264 -16.09 -13.19 7.10
C GLU A 264 -16.79 -12.05 7.89
N PRO A 265 -18.12 -12.10 8.07
CA PRO A 265 -18.81 -10.93 8.65
C PRO A 265 -18.36 -10.54 10.06
N GLU A 266 -18.29 -9.24 10.30
CA GLU A 266 -17.90 -8.67 11.58
C GLU A 266 -19.10 -8.50 12.51
N THR A 267 -18.92 -8.83 13.78
CA THR A 267 -19.94 -8.58 14.79
C THR A 267 -19.51 -7.45 15.71
N PRO A 268 -20.07 -6.25 15.50
CA PRO A 268 -19.68 -5.04 16.24
C PRO A 268 -20.15 -5.02 17.69
N ASN A 269 -19.33 -4.46 18.57
CA ASN A 269 -19.75 -4.19 19.94
C ASN A 269 -20.48 -2.85 19.99
N MET A 270 -21.79 -2.88 19.80
CA MET A 270 -22.58 -1.65 19.65
C MET A 270 -22.64 -0.82 20.93
N ASP A 271 -22.44 -1.48 22.07
CA ASP A 271 -22.36 -0.76 23.34
C ASP A 271 -21.18 0.21 23.33
N VAL A 272 -20.07 -0.22 22.72
CA VAL A 272 -18.84 0.55 22.73
C VAL A 272 -18.81 1.62 21.63
N ILE A 273 -19.20 1.24 20.41
CA ILE A 273 -19.04 2.13 19.26
C ILE A 273 -20.31 2.89 18.90
N GLY A 274 -21.41 2.60 19.60
CA GLY A 274 -22.70 3.18 19.28
C GLY A 274 -22.75 4.69 19.31
N GLU A 275 -22.26 5.27 20.40
CA GLU A 275 -22.28 6.72 20.58
C GLU A 275 -21.50 7.45 19.48
N ARG A 276 -20.39 6.86 19.06
CA ARG A 276 -19.55 7.44 18.02
C ARG A 276 -20.30 7.53 16.69
N ILE A 277 -21.00 6.47 16.33
CA ILE A 277 -21.79 6.45 15.10
C ILE A 277 -22.89 7.49 15.17
N LYS A 278 -23.56 7.57 16.31
CA LYS A 278 -24.67 8.50 16.51
C LYS A 278 -24.24 9.95 16.32
N ARG A 279 -23.08 10.31 16.85
CA ARG A 279 -22.58 11.66 16.73
C ARG A 279 -22.20 12.00 15.29
N ILE A 280 -21.60 11.04 14.60
CA ILE A 280 -21.29 11.21 13.19
C ILE A 280 -22.58 11.35 12.40
N LYS A 281 -23.56 10.51 12.75
CA LYS A 281 -24.87 10.54 12.11
C LYS A 281 -25.55 11.89 12.31
N GLU A 282 -25.43 12.44 13.51
CA GLU A 282 -26.05 13.72 13.83
C GLU A 282 -25.39 14.88 13.09
N GLU A 283 -24.06 14.84 13.02
CA GLU A 283 -23.30 15.90 12.38
C GLU A 283 -23.50 15.92 10.86
N HIS A 284 -23.89 14.78 10.30
CA HIS A 284 -24.15 14.70 8.86
C HIS A 284 -25.54 14.15 8.56
N ASN A 285 -26.51 14.53 9.37
CA ASN A 285 -27.86 14.00 9.27
C ASN A 285 -28.56 14.30 7.94
N SER A 286 -28.15 15.37 7.29
CA SER A 286 -28.82 15.83 6.07
C SER A 286 -28.53 14.95 4.86
N THR A 287 -27.40 14.23 4.88
CA THR A 287 -27.06 13.35 3.77
C THR A 287 -26.80 11.91 4.24
N TRP A 288 -27.08 11.66 5.51
CA TRP A 288 -26.86 10.34 6.09
C TRP A 288 -27.81 9.29 5.50
N HIS A 289 -27.24 8.15 5.11
CA HIS A 289 -28.05 7.05 4.57
C HIS A 289 -27.39 5.70 4.85
N TYR A 290 -28.14 4.64 4.64
CA TYR A 290 -27.61 3.29 4.83
C TYR A 290 -27.56 2.56 3.50
N ASP A 291 -26.35 2.41 2.96
CA ASP A 291 -26.14 1.81 1.65
C ASP A 291 -25.99 0.30 1.76
N ASP A 292 -26.98 -0.43 1.26
CA ASP A 292 -26.98 -1.88 1.28
C ASP A 292 -26.00 -2.47 0.27
N GLU A 293 -25.50 -1.62 -0.62
CA GLU A 293 -24.61 -2.09 -1.67
C GLU A 293 -23.14 -1.88 -1.33
N ASN A 294 -22.85 -1.57 -0.07
CA ASN A 294 -21.46 -1.45 0.38
C ASN A 294 -20.73 -2.77 0.18
N PRO A 295 -19.42 -2.71 -0.12
CA PRO A 295 -18.66 -3.91 -0.50
C PRO A 295 -17.99 -4.64 0.68
N TYR A 296 -18.15 -4.14 1.89
CA TYR A 296 -17.36 -4.61 3.03
C TYR A 296 -17.78 -5.98 3.54
N LYS A 297 -16.86 -6.94 3.45
CA LYS A 297 -17.11 -8.32 3.82
C LYS A 297 -16.72 -8.59 5.26
N THR A 298 -15.72 -7.86 5.74
CA THR A 298 -15.01 -8.20 6.95
C THR A 298 -15.09 -7.05 7.98
N TRP A 299 -15.44 -5.87 7.49
CA TRP A 299 -15.68 -4.73 8.36
C TRP A 299 -17.17 -4.47 8.50
N ALA A 300 -17.63 -4.24 9.73
CA ALA A 300 -19.03 -3.94 9.98
C ALA A 300 -19.37 -2.56 9.43
N TYR A 301 -20.45 -2.48 8.65
CA TYR A 301 -20.87 -1.23 8.04
C TYR A 301 -22.04 -0.62 8.81
N HIS A 302 -21.99 0.68 9.06
CA HIS A 302 -22.96 1.32 9.92
C HIS A 302 -23.73 2.46 9.24
N GLY A 303 -23.24 2.91 8.09
CA GLY A 303 -23.90 4.00 7.38
C GLY A 303 -22.95 4.86 6.57
N SER A 304 -23.53 5.77 5.79
CA SER A 304 -22.74 6.64 4.92
C SER A 304 -23.29 8.07 4.89
N TYR A 305 -22.47 9.01 4.45
CA TYR A 305 -22.95 10.33 4.09
C TYR A 305 -22.19 10.86 2.88
N GLU A 306 -22.75 11.86 2.21
CA GLU A 306 -22.20 12.35 0.96
C GLU A 306 -21.06 13.33 1.19
N VAL A 307 -20.12 13.36 0.26
CA VAL A 307 -18.93 14.18 0.39
C VAL A 307 -18.42 14.58 -1.00
N LYS A 308 -17.58 15.62 -1.06
CA LYS A 308 -16.97 16.03 -2.32
C LYS A 308 -15.81 15.10 -2.67
N ALA A 309 -15.62 14.84 -3.96
CA ALA A 309 -14.57 13.94 -4.43
C ALA A 309 -13.18 14.51 -4.18
N THR A 310 -12.35 13.73 -3.51
CA THR A 310 -11.01 14.14 -3.12
C THR A 310 -10.01 13.14 -3.72
N GLY A 311 -8.78 13.59 -3.94
CA GLY A 311 -7.71 12.67 -4.31
C GLY A 311 -7.50 12.48 -5.79
N SER A 312 -6.29 12.79 -6.24
CA SER A 312 -5.94 12.59 -7.63
C SER A 312 -5.32 11.21 -7.84
N ALA A 313 -5.29 10.79 -9.11
CA ALA A 313 -4.76 9.50 -9.48
C ALA A 313 -3.34 9.65 -10.03
N SER A 314 -2.78 10.84 -9.86
CA SER A 314 -1.43 11.14 -10.27
C SER A 314 -0.71 11.92 -9.16
N SER A 315 0.49 12.40 -9.48
CA SER A 315 1.27 13.19 -8.54
C SER A 315 1.89 14.40 -9.22
N MET A 316 2.37 15.36 -8.44
CA MET A 316 2.91 16.57 -9.04
C MET A 316 4.41 16.68 -8.84
N ILE A 317 5.10 16.90 -9.96
CA ILE A 317 6.54 16.69 -10.06
C ILE A 317 7.37 17.93 -9.74
N ASN A 318 8.42 17.75 -8.95
CA ASN A 318 9.34 18.83 -8.60
C ASN A 318 10.19 19.23 -9.80
N GLY A 319 10.03 20.48 -10.24
CA GLY A 319 10.68 20.96 -11.44
C GLY A 319 12.20 21.04 -11.39
N VAL A 320 12.72 21.70 -10.37
CA VAL A 320 14.16 21.94 -10.23
C VAL A 320 15.01 20.68 -10.38
N VAL A 321 14.63 19.62 -9.67
CA VAL A 321 15.42 18.39 -9.67
C VAL A 321 15.12 17.49 -10.87
N LYS A 322 14.01 17.74 -11.55
CA LYS A 322 13.72 16.98 -12.76
C LYS A 322 14.59 17.53 -13.88
N LEU A 323 14.85 18.83 -13.84
CA LEU A 323 15.76 19.44 -14.79
C LEU A 323 17.16 18.86 -14.64
N LEU A 324 17.63 18.76 -13.39
CA LEU A 324 19.01 18.39 -13.12
C LEU A 324 19.24 16.87 -13.12
N THR A 325 18.20 16.12 -13.40
CA THR A 325 18.30 14.66 -13.52
C THR A 325 17.64 14.20 -14.81
N LYS A 326 18.02 14.84 -15.92
CA LYS A 326 17.38 14.61 -17.21
C LYS A 326 17.45 13.19 -17.78
N PRO A 327 18.57 12.45 -17.55
CA PRO A 327 18.54 11.12 -18.15
C PRO A 327 17.62 10.13 -17.44
N TRP A 328 16.98 10.54 -16.35
CA TRP A 328 16.10 9.66 -15.60
C TRP A 328 14.64 9.84 -15.98
N ASP A 329 14.38 10.70 -16.96
CA ASP A 329 13.05 10.76 -17.57
C ASP A 329 12.90 9.52 -18.46
N VAL A 330 14.04 8.90 -18.75
CA VAL A 330 14.10 7.73 -19.61
C VAL A 330 13.68 6.47 -18.84
N VAL A 331 14.04 6.41 -17.55
CA VAL A 331 13.86 5.18 -16.79
C VAL A 331 12.48 5.10 -16.14
N PRO A 332 11.88 3.89 -16.13
CA PRO A 332 10.51 3.69 -15.65
C PRO A 332 10.27 3.96 -14.15
N MET A 333 11.13 3.45 -13.27
CA MET A 333 10.85 3.41 -11.82
C MET A 333 10.74 4.78 -11.15
N VAL A 334 11.51 5.73 -11.67
CA VAL A 334 11.53 7.11 -11.18
C VAL A 334 10.21 7.80 -11.53
N THR A 335 9.61 7.39 -12.63
CA THR A 335 8.34 7.95 -13.06
C THR A 335 7.18 7.06 -12.58
N GLN A 336 7.45 5.78 -12.39
CA GLN A 336 6.46 4.83 -11.90
C GLN A 336 6.04 5.18 -10.46
N MET A 337 6.92 5.86 -9.76
CA MET A 337 6.66 6.26 -8.38
C MET A 337 5.69 7.43 -8.32
N ALA A 338 5.42 8.02 -9.47
CA ALA A 338 4.51 9.17 -9.56
C ALA A 338 3.10 8.76 -9.96
N MET A 339 2.90 7.48 -10.27
CA MET A 339 1.55 7.01 -10.58
C MET A 339 0.85 6.49 -9.31
N THR A 340 1.13 7.15 -8.20
CA THR A 340 0.31 7.03 -6.99
C THR A 340 -1.17 7.06 -7.38
N ASP A 341 -2.04 6.37 -6.63
CA ASP A 341 -3.47 6.60 -6.83
C ASP A 341 -4.23 6.67 -5.49
N THR A 342 -4.65 7.89 -5.18
CA THR A 342 -5.44 8.16 -3.99
C THR A 342 -6.82 8.68 -4.39
N THR A 343 -7.23 8.32 -5.61
CA THR A 343 -8.61 8.46 -6.01
C THR A 343 -9.46 7.59 -5.11
N PRO A 344 -10.75 7.96 -4.96
CA PRO A 344 -11.61 7.12 -4.11
C PRO A 344 -11.71 5.69 -4.64
N PHE A 345 -11.46 5.49 -5.93
CA PHE A 345 -11.37 4.14 -6.48
C PHE A 345 -10.14 3.40 -5.97
N GLY A 346 -9.03 4.14 -5.85
CA GLY A 346 -7.76 3.55 -5.47
C GLY A 346 -7.75 3.08 -4.04
N GLN A 347 -8.33 3.89 -3.15
CA GLN A 347 -8.47 3.53 -1.75
C GLN A 347 -9.33 2.28 -1.62
N GLN A 348 -10.42 2.24 -2.38
CA GLN A 348 -11.33 1.10 -2.37
C GLN A 348 -10.66 -0.18 -2.87
N ARG A 349 -9.79 -0.04 -3.86
CA ARG A 349 -9.05 -1.19 -4.37
C ARG A 349 -8.06 -1.70 -3.34
N VAL A 350 -7.35 -0.78 -2.69
CA VAL A 350 -6.39 -1.15 -1.66
C VAL A 350 -7.10 -1.78 -0.47
N PHE A 351 -8.22 -1.19 -0.07
CA PHE A 351 -8.98 -1.70 1.07
C PHE A 351 -9.44 -3.14 0.85
N LYS A 352 -10.03 -3.40 -0.31
CA LYS A 352 -10.50 -4.74 -0.65
C LYS A 352 -9.36 -5.75 -0.64
N GLU A 353 -8.27 -5.38 -1.31
CA GLU A 353 -7.16 -6.31 -1.53
C GLU A 353 -6.27 -6.50 -0.30
N LYS A 354 -6.18 -5.49 0.55
CA LYS A 354 -5.23 -5.53 1.66
C LYS A 354 -5.87 -5.54 3.04
N VAL A 355 -6.94 -4.77 3.22
CA VAL A 355 -7.50 -4.56 4.56
C VAL A 355 -8.72 -5.42 4.83
N ASP A 356 -9.49 -5.71 3.79
CA ASP A 356 -10.76 -6.43 3.94
C ASP A 356 -10.56 -7.94 4.08
N THR A 357 -9.67 -8.33 5.00
CA THR A 357 -9.36 -9.74 5.22
C THR A 357 -9.55 -10.10 6.69
N ARG A 358 -9.63 -11.40 6.97
CA ARG A 358 -9.72 -11.86 8.35
C ARG A 358 -8.70 -12.95 8.64
N THR A 359 -7.94 -12.77 9.71
CA THR A 359 -6.95 -13.74 10.15
C THR A 359 -7.59 -14.78 11.06
N PRO A 360 -7.40 -16.07 10.74
CA PRO A 360 -7.93 -17.15 11.59
C PRO A 360 -7.34 -17.09 12.99
N ARG A 361 -8.15 -17.40 14.00
CA ARG A 361 -7.70 -17.39 15.38
C ARG A 361 -6.57 -18.38 15.60
N PRO A 362 -5.46 -17.91 16.20
CA PRO A 362 -4.32 -18.77 16.52
C PRO A 362 -4.70 -19.93 17.45
N LEU A 363 -3.95 -21.03 17.34
CA LEU A 363 -4.19 -22.21 18.18
C LEU A 363 -3.98 -21.89 19.66
N PRO A 364 -4.68 -22.62 20.55
CA PRO A 364 -4.61 -22.38 22.00
C PRO A 364 -3.19 -22.43 22.56
N GLY A 365 -2.38 -23.36 22.06
CA GLY A 365 -0.99 -23.45 22.49
C GLY A 365 -0.21 -22.25 22.05
N THR A 366 -0.47 -21.79 20.83
CA THR A 366 0.18 -20.60 20.30
C THR A 366 -0.18 -19.38 21.12
N ARG A 367 -1.45 -19.29 21.54
CA ARG A 367 -1.90 -18.16 22.35
C ARG A 367 -1.22 -18.18 23.72
N LYS A 368 -0.97 -19.38 24.24
CA LYS A 368 -0.28 -19.49 25.52
C LYS A 368 1.16 -18.99 25.44
N VAL A 369 1.88 -19.41 24.41
CA VAL A 369 3.27 -18.97 24.21
C VAL A 369 3.35 -17.45 24.08
N MET A 370 2.48 -16.88 23.27
CA MET A 370 2.41 -15.44 23.09
C MET A 370 2.12 -14.74 24.40
N GLU A 371 1.19 -15.31 25.16
CA GLU A 371 0.80 -14.77 26.46
C GLU A 371 2.00 -14.71 27.40
N ILE A 372 2.69 -15.85 27.56
CA ILE A 372 3.86 -15.94 28.43
C ILE A 372 4.99 -15.00 27.98
N THR A 373 5.26 -14.99 26.68
CA THR A 373 6.34 -14.18 26.12
C THR A 373 6.07 -12.69 26.27
N ALA A 374 4.81 -12.28 26.04
CA ALA A 374 4.43 -10.88 26.16
C ALA A 374 4.62 -10.34 27.57
N GLU A 375 4.16 -11.11 28.56
CA GLU A 375 4.31 -10.70 29.96
C GLU A 375 5.78 -10.57 30.34
N TRP A 376 6.59 -11.52 29.88
CA TRP A 376 8.03 -11.48 30.14
C TRP A 376 8.67 -10.29 29.46
N LEU A 377 8.20 -9.99 28.25
CA LEU A 377 8.77 -8.91 27.47
C LEU A 377 8.45 -7.55 28.07
N TRP A 378 7.20 -7.36 28.51
CA TRP A 378 6.81 -6.10 29.13
C TRP A 378 7.56 -5.85 30.43
N ARG A 379 7.80 -6.90 31.20
CA ARG A 379 8.54 -6.76 32.45
C ARG A 379 9.98 -6.34 32.19
N THR A 380 10.58 -6.94 31.14
CA THR A 380 11.93 -6.59 30.73
C THR A 380 12.00 -5.14 30.28
N LEU A 381 11.00 -4.70 29.51
CA LEU A 381 11.00 -3.34 28.98
C LEU A 381 10.77 -2.28 30.06
N GLY A 382 10.22 -2.70 31.20
CA GLY A 382 9.95 -1.78 32.29
C GLY A 382 10.85 -1.96 33.48
N ARG A 383 11.99 -2.63 33.28
CA ARG A 383 12.92 -2.90 34.38
C ARG A 383 13.52 -1.61 34.93
N ASN A 384 13.72 -0.62 34.06
CA ASN A 384 14.27 0.67 34.48
C ASN A 384 13.23 1.77 34.47
N LYS A 385 12.47 1.83 33.37
CA LYS A 385 11.49 2.90 33.16
C LYS A 385 10.12 2.55 33.70
N ARG A 386 9.33 3.59 33.96
CA ARG A 386 7.92 3.42 34.29
C ARG A 386 7.09 4.09 33.21
N PRO A 387 5.89 3.55 32.93
CA PRO A 387 4.98 4.27 32.05
C PRO A 387 4.58 5.60 32.68
N ARG A 388 4.39 6.63 31.85
CA ARG A 388 3.95 7.92 32.38
C ARG A 388 2.97 8.57 31.43
N LEU A 389 2.15 9.46 31.97
CA LEU A 389 1.22 10.23 31.17
C LEU A 389 1.97 11.34 30.45
N CYS A 390 1.58 11.62 29.21
CA CYS A 390 2.07 12.80 28.51
C CYS A 390 1.01 13.88 28.67
N THR A 391 1.39 15.14 28.43
CA THR A 391 0.52 16.26 28.78
C THR A 391 0.16 17.16 27.61
N ARG A 392 -0.73 18.11 27.87
CA ARG A 392 -1.07 19.13 26.90
C ARG A 392 0.16 19.92 26.50
N GLU A 393 0.90 20.39 27.51
CA GLU A 393 2.15 21.10 27.31
C GLU A 393 3.09 20.36 26.37
N GLU A 394 3.30 19.08 26.66
CA GLU A 394 4.20 18.24 25.89
C GLU A 394 3.71 18.07 24.45
N PHE A 395 2.44 17.75 24.30
CA PHE A 395 1.84 17.58 22.98
C PHE A 395 1.91 18.87 22.18
N THR A 396 1.75 20.00 22.86
CA THR A 396 1.79 21.30 22.21
C THR A 396 3.18 21.61 21.66
N LYS A 397 4.21 21.42 22.48
CA LYS A 397 5.59 21.67 22.06
C LYS A 397 5.95 20.88 20.80
N LYS A 398 5.60 19.60 20.80
CA LYS A 398 5.93 18.73 19.68
C LYS A 398 5.20 19.19 18.42
N VAL A 399 3.96 19.64 18.59
CA VAL A 399 3.19 20.19 17.47
C VAL A 399 3.79 21.51 16.98
N ARG A 400 4.32 22.31 17.91
CA ARG A 400 4.94 23.58 17.53
C ARG A 400 6.24 23.39 16.76
N THR A 401 7.12 22.56 17.29
CA THR A 401 8.44 22.35 16.70
C THR A 401 8.43 21.57 15.38
N ASN A 402 7.65 20.48 15.31
CA ASN A 402 7.69 19.57 14.16
C ASN A 402 7.06 20.10 12.86
N TYR A 415 -0.53 19.72 5.99
CA TYR A 415 -1.76 19.93 6.76
C TYR A 415 -1.48 20.10 8.27
N ASP A 416 -1.07 21.30 8.66
CA ASP A 416 -0.91 21.62 10.09
C ASP A 416 -1.46 23.03 10.35
N SER A 417 -2.77 23.07 10.60
CA SER A 417 -3.41 24.14 11.38
C SER A 417 -3.58 23.57 12.78
N ALA A 418 -2.93 22.43 13.00
CA ALA A 418 -2.85 21.81 14.30
C ALA A 418 -2.07 22.72 15.23
N LYS A 419 -1.18 23.50 14.64
CA LYS A 419 -0.44 24.53 15.35
C LYS A 419 -1.40 25.61 15.86
N ALA A 420 -2.53 25.77 15.17
CA ALA A 420 -3.55 26.72 15.60
C ALA A 420 -4.52 26.06 16.59
N ALA A 421 -4.81 24.78 16.35
CA ALA A 421 -5.75 24.03 17.18
C ALA A 421 -5.26 23.88 18.62
N VAL A 422 -4.02 23.45 18.79
CA VAL A 422 -3.45 23.28 20.13
C VAL A 422 -3.32 24.63 20.83
N GLU A 423 -3.42 25.70 20.06
CA GLU A 423 -3.36 27.05 20.60
C GLU A 423 -4.75 27.55 20.98
N ASP A 424 -5.77 26.99 20.35
CA ASP A 424 -7.15 27.33 20.67
C ASP A 424 -7.60 26.62 21.94
N GLU A 425 -7.95 27.40 22.96
CA GLU A 425 -8.39 26.86 24.24
C GLU A 425 -9.62 25.96 24.13
N GLU A 426 -10.49 26.26 23.16
CA GLU A 426 -11.74 25.53 23.00
C GLU A 426 -11.48 24.10 22.52
N PHE A 427 -10.35 23.92 21.83
CA PHE A 427 -9.91 22.59 21.43
C PHE A 427 -9.70 21.71 22.65
N TRP A 428 -8.95 22.25 23.62
CA TRP A 428 -8.64 21.52 24.84
C TRP A 428 -9.87 21.33 25.72
N LYS A 429 -10.86 22.19 25.54
CA LYS A 429 -12.12 22.04 26.26
C LYS A 429 -12.82 20.78 25.76
N LEU A 430 -12.79 20.58 24.45
CA LEU A 430 -13.35 19.39 23.84
C LEU A 430 -12.59 18.14 24.29
N VAL A 431 -11.27 18.28 24.33
CA VAL A 431 -10.40 17.20 24.78
C VAL A 431 -10.76 16.76 26.19
N ASP A 432 -10.93 17.73 27.08
CA ASP A 432 -11.32 17.45 28.47
C ASP A 432 -12.66 16.72 28.53
N ARG A 433 -13.60 17.18 27.70
CA ARG A 433 -14.94 16.60 27.67
C ARG A 433 -14.89 15.13 27.26
N GLU A 434 -14.10 14.82 26.24
CA GLU A 434 -13.97 13.45 25.77
C GLU A 434 -13.24 12.59 26.78
N ARG A 435 -12.28 13.17 27.50
CA ARG A 435 -11.51 12.42 28.49
C ARG A 435 -12.38 11.94 29.64
N GLU A 436 -13.31 12.79 30.06
CA GLU A 436 -14.22 12.45 31.15
C GLU A 436 -15.12 11.27 30.78
N LEU A 437 -15.42 11.14 29.49
CA LEU A 437 -16.17 9.99 28.99
C LEU A 437 -15.33 8.72 29.12
N HIS A 438 -14.06 8.82 28.71
CA HIS A 438 -13.14 7.69 28.78
C HIS A 438 -13.02 7.15 30.19
N LYS A 439 -12.98 8.05 31.17
CA LYS A 439 -12.89 7.67 32.57
C LYS A 439 -14.13 6.91 33.02
N LEU A 440 -15.24 7.12 32.32
CA LEU A 440 -16.50 6.47 32.64
C LEU A 440 -16.71 5.23 31.77
N GLY A 441 -15.78 4.98 30.87
CA GLY A 441 -15.85 3.82 29.99
C GLY A 441 -16.63 4.07 28.72
N LYS A 442 -16.74 5.34 28.35
CA LYS A 442 -17.47 5.71 27.15
C LYS A 442 -16.55 6.40 26.14
N CYS A 443 -16.87 6.24 24.87
CA CYS A 443 -16.16 6.97 23.83
C CYS A 443 -17.17 7.65 22.91
N GLY A 444 -16.96 8.95 22.68
CA GLY A 444 -17.93 9.74 21.95
C GLY A 444 -17.52 10.20 20.56
N SER A 445 -16.24 10.50 20.37
CA SER A 445 -15.81 11.09 19.11
C SER A 445 -14.45 10.62 18.61
N CYS A 446 -14.00 9.45 19.06
CA CYS A 446 -12.69 8.99 18.66
C CYS A 446 -12.73 8.09 17.43
N VAL A 447 -12.51 8.72 16.28
CA VAL A 447 -12.60 8.09 14.97
C VAL A 447 -11.31 8.41 14.21
N TYR A 448 -10.89 7.53 13.30
CA TYR A 448 -9.79 7.87 12.41
C TYR A 448 -10.13 7.53 10.97
N ASN A 449 -9.20 7.80 10.06
CA ASN A 449 -9.47 7.70 8.62
C ASN A 449 -8.53 6.79 7.85
N MET A 450 -8.99 6.37 6.68
CA MET A 450 -8.14 5.77 5.67
C MET A 450 -7.75 6.85 4.67
N MET A 451 -6.77 7.68 5.02
CA MET A 451 -6.36 8.75 4.12
C MET A 451 -5.34 8.26 3.10
N GLY A 466 -19.22 19.68 8.41
CA GLY A 466 -18.14 19.17 9.24
C GLY A 466 -17.33 20.27 9.90
N SER A 467 -16.97 21.30 9.13
CA SER A 467 -16.13 22.40 9.57
C SER A 467 -14.90 21.91 10.35
N ARG A 468 -14.58 22.58 11.45
CA ARG A 468 -13.40 22.22 12.23
C ARG A 468 -13.78 21.32 13.42
N ALA A 469 -15.07 21.10 13.60
CA ALA A 469 -15.54 20.13 14.58
C ALA A 469 -14.94 18.77 14.26
N ILE A 470 -14.98 18.41 12.98
CA ILE A 470 -14.38 17.18 12.51
C ILE A 470 -12.87 17.17 12.78
N TRP A 471 -12.25 18.33 12.68
CA TRP A 471 -10.81 18.45 12.78
C TRP A 471 -10.33 18.42 14.23
N TYR A 472 -11.06 19.13 15.07
CA TYR A 472 -10.80 19.17 16.50
C TYR A 472 -11.00 17.80 17.13
N MET A 473 -12.09 17.14 16.75
CA MET A 473 -12.35 15.78 17.23
C MET A 473 -11.14 14.91 16.95
N TRP A 474 -10.81 14.76 15.66
CA TRP A 474 -9.71 13.91 15.23
C TRP A 474 -8.38 14.21 15.92
N LEU A 475 -8.02 15.49 15.99
CA LEU A 475 -6.77 15.88 16.63
C LEU A 475 -6.84 15.66 18.15
N GLY A 476 -8.05 15.80 18.70
CA GLY A 476 -8.27 15.53 20.10
C GLY A 476 -8.18 14.05 20.41
N VAL A 477 -8.54 13.22 19.44
CA VAL A 477 -8.44 11.77 19.57
C VAL A 477 -6.98 11.36 19.68
N ARG A 478 -6.16 11.92 18.80
CA ARG A 478 -4.74 11.60 18.75
C ARG A 478 -4.01 12.11 19.99
N TYR A 479 -4.51 13.20 20.58
CA TYR A 479 -3.91 13.69 21.81
C TYR A 479 -4.12 12.70 22.95
N LEU A 480 -5.36 12.24 23.09
CA LEU A 480 -5.71 11.33 24.18
C LEU A 480 -4.94 10.02 24.04
N GLU A 481 -4.68 9.60 22.81
CA GLU A 481 -3.84 8.44 22.55
C GLU A 481 -2.40 8.77 22.95
N PHE A 482 -1.94 9.95 22.55
CA PHE A 482 -0.60 10.44 22.89
C PHE A 482 -0.45 10.54 24.40
N GLU A 483 -1.49 11.03 25.06
CA GLU A 483 -1.48 11.21 26.50
C GLU A 483 -1.29 9.89 27.23
N ALA A 484 -1.95 8.85 26.75
CA ALA A 484 -1.97 7.58 27.45
C ALA A 484 -0.83 6.64 27.02
N LEU A 485 -0.45 6.71 25.74
CA LEU A 485 0.49 5.73 25.20
C LEU A 485 1.74 6.35 24.57
N GLY A 486 1.80 7.68 24.56
CA GLY A 486 2.91 8.38 23.95
C GLY A 486 4.26 8.13 24.59
N PHE A 487 4.25 7.72 25.85
CA PHE A 487 5.49 7.48 26.59
C PHE A 487 6.38 6.45 25.90
N LEU A 488 5.76 5.51 25.20
CA LEU A 488 6.48 4.47 24.47
C LEU A 488 7.48 5.07 23.48
N ASN A 489 7.06 6.13 22.79
CA ASN A 489 7.95 6.84 21.87
C ASN A 489 8.77 7.90 22.58
N GLU A 490 8.09 8.75 23.34
CA GLU A 490 8.73 9.91 23.96
C GLU A 490 9.81 9.52 24.97
N ASP A 491 9.66 8.37 25.60
CA ASP A 491 10.63 7.92 26.59
C ASP A 491 11.51 6.79 26.07
N HIS A 492 11.43 6.54 24.76
CA HIS A 492 12.34 5.62 24.06
C HIS A 492 12.33 4.20 24.63
N TRP A 493 11.15 3.61 24.76
CA TRP A 493 11.06 2.25 25.31
C TRP A 493 11.67 1.22 24.37
N PHE A 494 11.81 1.58 23.10
CA PHE A 494 12.36 0.64 22.13
C PHE A 494 13.70 1.09 21.56
N SER A 495 14.41 1.91 22.35
CA SER A 495 15.82 2.15 22.06
C SER A 495 16.56 0.82 22.25
N ARG A 496 17.71 0.70 21.60
CA ARG A 496 18.47 -0.54 21.70
C ARG A 496 18.90 -0.82 23.13
N GLU A 497 19.20 0.24 23.87
CA GLU A 497 19.62 0.10 25.27
C GLU A 497 18.51 -0.50 26.13
N ASN A 498 17.28 -0.07 25.90
CA ASN A 498 16.16 -0.49 26.74
C ASN A 498 15.47 -1.78 26.27
N SER A 499 15.54 -2.06 24.97
CA SER A 499 14.78 -3.17 24.41
C SER A 499 15.64 -4.28 23.80
N TYR A 500 16.96 -4.04 23.75
CA TYR A 500 17.92 -4.97 23.16
C TYR A 500 17.74 -5.16 21.65
N SER A 501 16.52 -5.40 21.22
CA SER A 501 16.25 -5.66 19.80
C SER A 501 15.93 -4.39 19.02
N GLY A 502 15.52 -3.35 19.75
CA GLY A 502 15.03 -2.13 19.12
C GLY A 502 16.11 -1.23 18.55
N VAL A 503 15.70 -0.27 17.72
CA VAL A 503 16.61 0.66 17.08
C VAL A 503 16.04 2.07 17.10
N GLU A 504 15.09 2.32 17.98
CA GLU A 504 14.46 3.63 18.07
C GLU A 504 15.47 4.68 18.49
N GLY A 505 15.49 5.79 17.76
CA GLY A 505 16.36 6.91 18.09
C GLY A 505 17.77 6.75 17.56
N GLU A 506 18.04 5.60 16.95
CA GLU A 506 19.40 5.28 16.50
C GLU A 506 19.79 6.12 15.28
N GLY A 507 18.97 6.07 14.24
CA GLY A 507 19.25 6.82 13.03
C GLY A 507 19.74 5.93 11.90
N LEU A 508 19.43 6.34 10.67
CA LEU A 508 19.77 5.56 9.48
C LEU A 508 21.27 5.35 9.33
N HIS A 509 22.06 6.27 9.88
CA HIS A 509 23.51 6.22 9.76
C HIS A 509 24.14 5.26 10.77
N LYS A 510 23.34 4.71 11.67
CA LYS A 510 23.85 3.78 12.66
C LYS A 510 23.35 2.36 12.44
N LEU A 511 22.22 2.23 11.76
CA LEU A 511 21.58 0.93 11.54
C LEU A 511 22.54 -0.08 10.91
N GLY A 512 23.31 0.37 9.92
CA GLY A 512 24.28 -0.47 9.26
C GLY A 512 25.32 -1.03 10.21
N TYR A 513 25.77 -0.20 11.14
CA TYR A 513 26.72 -0.64 12.16
C TYR A 513 26.11 -1.69 13.07
N ILE A 514 24.83 -1.51 13.40
CA ILE A 514 24.12 -2.46 14.26
C ILE A 514 24.02 -3.83 13.60
N LEU A 515 23.76 -3.84 12.30
CA LEU A 515 23.70 -5.09 11.54
C LEU A 515 25.08 -5.75 11.47
N ARG A 516 26.12 -4.93 11.40
CA ARG A 516 27.48 -5.45 11.37
C ARG A 516 27.84 -6.10 12.70
N ASP A 517 27.36 -5.52 13.79
CA ASP A 517 27.59 -6.07 15.12
C ASP A 517 26.84 -7.39 15.28
N ILE A 518 25.64 -7.46 14.73
CA ILE A 518 24.82 -8.67 14.82
C ILE A 518 25.47 -9.82 14.07
N SER A 519 26.08 -9.53 12.92
CA SER A 519 26.72 -10.55 12.10
C SER A 519 27.89 -11.22 12.83
N LYS A 520 28.43 -10.52 13.83
CA LYS A 520 29.55 -11.04 14.61
C LYS A 520 29.10 -12.12 15.59
N ILE A 521 27.79 -12.22 15.81
CA ILE A 521 27.26 -13.25 16.69
C ILE A 521 27.16 -14.57 15.95
N PRO A 522 27.82 -15.61 16.49
CA PRO A 522 27.84 -16.95 15.87
C PRO A 522 26.47 -17.60 15.80
N GLY A 523 26.24 -18.38 14.75
CA GLY A 523 24.96 -19.05 14.58
C GLY A 523 24.59 -19.23 13.12
N GLY A 524 23.32 -19.04 12.81
CA GLY A 524 22.83 -19.21 11.46
C GLY A 524 22.99 -17.94 10.64
N ALA A 525 22.37 -17.92 9.48
CA ALA A 525 22.38 -16.75 8.62
C ALA A 525 21.54 -15.62 9.22
N MET A 526 21.66 -14.43 8.65
CA MET A 526 20.82 -13.31 9.06
C MET A 526 19.54 -13.31 8.23
N TYR A 527 18.40 -13.49 8.91
CA TYR A 527 17.12 -13.58 8.22
C TYR A 527 16.36 -12.26 8.33
N ALA A 528 15.58 -11.96 7.28
CA ALA A 528 14.86 -10.70 7.19
C ALA A 528 13.56 -10.87 6.41
N ASP A 529 12.66 -11.67 6.94
CA ASP A 529 11.38 -11.92 6.28
C ASP A 529 10.38 -10.79 6.50
N ASP A 530 9.82 -10.27 5.41
CA ASP A 530 8.78 -9.26 5.49
C ASP A 530 7.41 -9.90 5.67
N THR A 531 6.61 -9.32 6.55
CA THR A 531 5.23 -9.75 6.73
C THR A 531 4.35 -9.06 5.68
N ALA A 532 3.41 -9.81 5.11
CA ALA A 532 2.46 -9.24 4.17
C ALA A 532 1.37 -8.48 4.90
N GLY A 533 1.46 -7.15 4.87
CA GLY A 533 0.45 -6.29 5.49
C GLY A 533 0.33 -6.49 6.98
N TRP A 534 1.42 -6.20 7.70
CA TRP A 534 1.53 -6.45 9.13
C TRP A 534 0.35 -5.95 9.97
N ASP A 535 -0.05 -4.70 9.75
CA ASP A 535 -1.08 -4.08 10.57
C ASP A 535 -2.43 -4.81 10.47
N THR A 536 -2.70 -5.43 9.32
CA THR A 536 -3.94 -6.18 9.16
C THR A 536 -3.82 -7.58 9.73
N ARG A 537 -2.61 -7.96 10.14
CA ARG A 537 -2.38 -9.30 10.68
C ARG A 537 -2.35 -9.30 12.21
N ILE A 538 -2.56 -8.13 12.81
CA ILE A 538 -2.64 -8.05 14.26
C ILE A 538 -3.96 -8.65 14.75
N THR A 539 -3.85 -9.71 15.54
CA THR A 539 -5.01 -10.44 16.03
C THR A 539 -5.56 -9.84 17.31
N GLU A 540 -6.72 -10.33 17.73
CA GLU A 540 -7.30 -9.94 19.03
C GLU A 540 -6.37 -10.36 20.16
N ASP A 541 -5.65 -11.47 19.96
CA ASP A 541 -4.73 -11.96 20.97
C ASP A 541 -3.50 -11.06 21.08
N ASP A 542 -3.01 -10.58 19.93
CA ASP A 542 -1.92 -9.62 19.91
C ASP A 542 -2.30 -8.37 20.69
N LEU A 543 -3.52 -7.89 20.46
CA LEU A 543 -4.03 -6.70 21.12
C LEU A 543 -4.13 -6.91 22.63
N HIS A 544 -4.59 -8.09 23.02
CA HIS A 544 -4.72 -8.46 24.42
C HIS A 544 -3.35 -8.44 25.12
N ASN A 545 -2.31 -8.88 24.40
CA ASN A 545 -0.97 -8.97 24.95
C ASN A 545 -0.26 -7.61 25.02
N GLU A 546 -0.51 -6.76 24.03
CA GLU A 546 0.05 -5.41 24.01
C GLU A 546 -0.56 -4.58 25.14
N GLU A 547 -1.78 -4.94 25.52
CA GLU A 547 -2.54 -4.23 26.53
C GLU A 547 -1.95 -4.40 27.94
N LYS A 548 -1.16 -5.44 28.12
CA LYS A 548 -0.67 -5.82 29.45
C LYS A 548 0.26 -4.78 30.09
N ILE A 549 0.76 -3.82 29.30
CA ILE A 549 1.64 -2.78 29.82
C ILE A 549 0.91 -1.89 30.84
N ILE A 550 -0.42 -1.87 30.78
CA ILE A 550 -1.20 -1.06 31.72
C ILE A 550 -1.04 -1.55 33.16
N GLN A 551 -0.53 -2.77 33.32
CA GLN A 551 -0.29 -3.35 34.64
C GLN A 551 0.83 -2.62 35.39
N GLN A 552 1.66 -1.90 34.64
CA GLN A 552 2.78 -1.17 35.24
C GLN A 552 2.46 0.32 35.42
N MET A 553 1.21 0.69 35.20
CA MET A 553 0.80 2.09 35.25
C MET A 553 0.18 2.48 36.57
N ASP A 554 0.28 3.76 36.92
CA ASP A 554 -0.45 4.33 38.03
C ASP A 554 -1.95 4.28 37.70
N PRO A 555 -2.82 4.23 38.73
CA PRO A 555 -4.27 4.06 38.57
C PRO A 555 -4.94 4.99 37.55
N GLU A 556 -4.70 6.29 37.66
CA GLU A 556 -5.32 7.28 36.76
C GLU A 556 -4.82 7.09 35.33
N HIS A 557 -3.53 6.83 35.18
CA HIS A 557 -2.95 6.51 33.88
C HIS A 557 -3.59 5.25 33.34
N ARG A 558 -3.75 4.26 34.23
CA ARG A 558 -4.27 2.96 33.85
C ARG A 558 -5.68 3.05 33.25
N GLN A 559 -6.57 3.79 33.90
CA GLN A 559 -7.94 3.88 33.41
C GLN A 559 -8.00 4.63 32.06
N LEU A 560 -7.09 5.57 31.86
CA LEU A 560 -7.01 6.30 30.60
C LEU A 560 -6.47 5.41 29.48
N ALA A 561 -5.41 4.68 29.76
CA ALA A 561 -4.84 3.74 28.80
C ALA A 561 -5.82 2.61 28.51
N ASN A 562 -6.45 2.11 29.56
CA ASN A 562 -7.46 1.07 29.43
C ASN A 562 -8.61 1.52 28.53
N ALA A 563 -8.93 2.81 28.58
CA ALA A 563 -9.95 3.36 27.71
C ALA A 563 -9.49 3.33 26.25
N ILE A 564 -8.23 3.71 26.04
CA ILE A 564 -7.68 3.74 24.68
C ILE A 564 -7.59 2.34 24.07
N PHE A 565 -7.10 1.37 24.84
CA PHE A 565 -6.97 0.00 24.34
C PHE A 565 -8.33 -0.63 24.06
N LYS A 566 -9.25 -0.52 25.00
CA LYS A 566 -10.53 -1.21 24.89
C LYS A 566 -11.56 -0.50 24.00
N LEU A 567 -11.60 0.82 24.04
CA LEU A 567 -12.65 1.56 23.34
C LEU A 567 -12.25 1.96 21.91
N THR A 568 -10.98 2.26 21.68
CA THR A 568 -10.56 2.75 20.37
C THR A 568 -9.58 1.83 19.62
N TYR A 569 -8.86 0.98 20.34
CA TYR A 569 -7.92 0.09 19.67
C TYR A 569 -8.55 -1.28 19.39
N GLN A 570 -9.36 -1.76 20.33
CA GLN A 570 -10.02 -3.04 20.16
C GLN A 570 -11.45 -2.90 19.66
N ASN A 571 -11.87 -1.65 19.42
CA ASN A 571 -13.15 -1.36 18.79
C ASN A 571 -13.04 -0.10 17.93
N LYS A 572 -12.49 -0.25 16.73
CA LYS A 572 -12.16 0.89 15.89
C LYS A 572 -13.33 1.34 15.00
N VAL A 573 -13.58 2.64 14.97
CA VAL A 573 -14.56 3.22 14.06
C VAL A 573 -13.83 4.03 13.00
N VAL A 574 -14.06 3.73 11.73
CA VAL A 574 -13.26 4.28 10.64
C VAL A 574 -14.09 4.98 9.57
N LYS A 575 -13.57 6.10 9.06
CA LYS A 575 -14.16 6.78 7.92
C LYS A 575 -13.42 6.45 6.63
N VAL A 576 -14.12 5.97 5.62
CA VAL A 576 -13.47 5.70 4.34
C VAL A 576 -14.31 6.15 3.14
N GLN A 577 -13.66 6.82 2.19
CA GLN A 577 -14.35 7.29 1.00
C GLN A 577 -14.61 6.16 0.01
N ARG A 578 -15.74 6.26 -0.69
CA ARG A 578 -16.13 5.26 -1.67
C ARG A 578 -16.89 5.93 -2.82
N PRO A 579 -16.44 5.70 -4.06
CA PRO A 579 -17.12 6.24 -5.23
C PRO A 579 -18.43 5.50 -5.49
N THR A 580 -19.46 6.23 -5.90
CA THR A 580 -20.73 5.62 -6.30
C THR A 580 -21.16 6.24 -7.63
N PRO A 581 -22.09 5.59 -8.35
CA PRO A 581 -22.57 6.16 -9.61
C PRO A 581 -23.14 7.58 -9.47
N THR A 582 -23.65 7.90 -8.29
CA THR A 582 -24.29 9.18 -8.05
C THR A 582 -23.37 10.21 -7.39
N GLY A 583 -22.23 9.75 -6.89
CA GLY A 583 -21.28 10.64 -6.23
C GLY A 583 -20.43 9.95 -5.18
N THR A 584 -19.45 10.65 -4.63
CA THR A 584 -18.58 10.09 -3.62
C THR A 584 -19.27 10.14 -2.26
N VAL A 585 -19.16 9.05 -1.50
CA VAL A 585 -19.70 9.01 -0.15
C VAL A 585 -18.62 8.66 0.86
N MET A 586 -18.91 8.93 2.13
CA MET A 586 -18.02 8.53 3.21
C MET A 586 -18.68 7.43 4.03
N ASP A 587 -18.08 6.24 4.02
CA ASP A 587 -18.61 5.11 4.76
C ASP A 587 -18.08 5.06 6.20
N ILE A 588 -18.97 4.74 7.13
CA ILE A 588 -18.59 4.54 8.52
C ILE A 588 -18.53 3.04 8.81
N ILE A 589 -17.33 2.52 9.03
CA ILE A 589 -17.16 1.10 9.27
C ILE A 589 -16.44 0.82 10.60
N SER A 590 -16.43 -0.44 11.01
CA SER A 590 -15.78 -0.83 12.26
C SER A 590 -15.13 -2.21 12.21
N ARG A 591 -14.14 -2.42 13.08
CA ARG A 591 -13.40 -3.68 13.16
C ARG A 591 -12.78 -3.82 14.55
N LYS A 592 -12.78 -5.03 15.09
CA LYS A 592 -12.25 -5.25 16.44
C LYS A 592 -10.74 -5.48 16.44
N ASP A 593 -10.25 -6.40 15.63
CA ASP A 593 -8.80 -6.62 15.57
C ASP A 593 -8.16 -5.74 14.51
N GLN A 594 -6.97 -6.16 14.05
CA GLN A 594 -6.11 -5.36 13.18
C GLN A 594 -5.58 -4.13 13.91
N ARG A 595 -4.48 -3.57 13.39
CA ARG A 595 -3.91 -2.36 13.96
C ARG A 595 -4.52 -1.12 13.32
N GLY A 596 -5.01 -0.21 14.16
CA GLY A 596 -5.42 1.10 13.67
C GLY A 596 -4.17 1.83 13.23
N SER A 597 -3.93 1.86 11.92
CA SER A 597 -2.71 2.44 11.37
C SER A 597 -2.67 3.96 11.55
N GLY A 598 -3.84 4.58 11.61
CA GLY A 598 -3.92 6.01 11.83
C GLY A 598 -4.01 6.37 13.29
N GLN A 599 -3.29 5.62 14.13
CA GLN A 599 -3.37 5.80 15.57
C GLN A 599 -1.99 5.93 16.20
N VAL A 600 -1.92 6.67 17.32
CA VAL A 600 -0.68 6.88 18.06
C VAL A 600 -0.20 5.58 18.71
N GLY A 601 1.11 5.33 18.66
CA GLY A 601 1.67 4.16 19.32
C GLY A 601 1.78 2.95 18.40
N THR A 602 1.44 3.15 17.13
CA THR A 602 1.49 2.08 16.15
C THR A 602 2.89 1.46 16.05
N TYR A 603 3.89 2.32 15.95
CA TYR A 603 5.26 1.83 15.77
C TYR A 603 5.77 1.02 16.96
N GLY A 604 5.53 1.53 18.17
CA GLY A 604 5.99 0.85 19.37
C GLY A 604 5.32 -0.49 19.57
N LEU A 605 4.00 -0.52 19.40
CA LEU A 605 3.24 -1.75 19.58
C LEU A 605 3.55 -2.76 18.49
N ASN A 606 3.84 -2.28 17.28
CA ASN A 606 4.27 -3.16 16.21
C ASN A 606 5.64 -3.75 16.52
N THR A 607 6.52 -2.92 17.07
CA THR A 607 7.85 -3.36 17.45
C THR A 607 7.75 -4.40 18.56
N PHE A 608 6.88 -4.13 19.53
CA PHE A 608 6.68 -5.05 20.65
C PHE A 608 6.22 -6.43 20.18
N THR A 609 5.15 -6.45 19.38
CA THR A 609 4.56 -7.69 18.93
C THR A 609 5.50 -8.44 17.99
N ASN A 610 6.25 -7.69 17.18
CA ASN A 610 7.22 -8.29 16.28
C ASN A 610 8.37 -8.93 17.08
N MET A 611 8.84 -8.23 18.12
CA MET A 611 9.85 -8.79 19.02
C MET A 611 9.39 -10.11 19.60
N GLU A 612 8.14 -10.13 20.07
CA GLU A 612 7.53 -11.32 20.63
C GLU A 612 7.47 -12.45 19.60
N ALA A 613 6.97 -12.12 18.40
CA ALA A 613 6.79 -13.12 17.35
C ALA A 613 8.11 -13.73 16.89
N GLN A 614 9.16 -12.92 16.89
CA GLN A 614 10.47 -13.41 16.44
C GLN A 614 11.15 -14.23 17.53
N LEU A 615 10.77 -14.01 18.79
CA LEU A 615 11.24 -14.86 19.88
C LEU A 615 10.55 -16.20 19.81
N VAL A 616 9.24 -16.17 19.55
CA VAL A 616 8.45 -17.39 19.43
C VAL A 616 8.97 -18.25 18.28
N ARG A 617 9.34 -17.61 17.18
CA ARG A 617 9.88 -18.35 16.05
C ARG A 617 11.25 -18.96 16.40
N GLN A 618 12.04 -18.25 17.21
CA GLN A 618 13.34 -18.76 17.61
C GLN A 618 13.20 -19.97 18.53
N MET A 619 12.18 -19.97 19.39
CA MET A 619 11.90 -21.14 20.22
C MET A 619 11.57 -22.36 19.36
N GLU A 620 10.81 -22.14 18.29
CA GLU A 620 10.45 -23.23 17.40
C GLU A 620 11.67 -23.76 16.66
N GLY A 621 12.53 -22.85 16.22
CA GLY A 621 13.76 -23.24 15.54
C GLY A 621 14.68 -24.04 16.44
N GLU A 622 14.66 -23.72 17.73
CA GLU A 622 15.53 -24.39 18.69
C GLU A 622 14.90 -25.66 19.27
N GLY A 623 13.65 -25.93 18.90
CA GLY A 623 12.97 -27.15 19.32
C GLY A 623 12.23 -27.05 20.64
N VAL A 624 12.27 -25.88 21.26
CA VAL A 624 11.54 -25.65 22.52
C VAL A 624 10.05 -25.69 22.27
N LEU A 625 9.64 -25.20 21.10
CA LEU A 625 8.24 -25.18 20.71
C LEU A 625 7.97 -26.16 19.58
N THR A 626 7.08 -27.10 19.81
CA THR A 626 6.75 -28.12 18.81
C THR A 626 5.32 -27.94 18.30
N LYS A 627 4.98 -28.69 17.25
CA LYS A 627 3.65 -28.64 16.67
C LYS A 627 2.61 -29.08 17.69
N ALA A 628 2.95 -30.10 18.47
CA ALA A 628 2.05 -30.62 19.50
C ALA A 628 1.78 -29.56 20.55
N ASP A 629 2.80 -28.73 20.83
CA ASP A 629 2.67 -27.66 21.81
C ASP A 629 1.70 -26.58 21.32
N LEU A 630 1.74 -26.29 20.03
CA LEU A 630 0.85 -25.29 19.44
C LEU A 630 -0.61 -25.73 19.55
N GLU A 631 -0.84 -27.02 19.39
CA GLU A 631 -2.19 -27.58 19.41
C GLU A 631 -2.66 -27.86 20.83
N ASN A 632 -1.71 -28.19 21.71
CA ASN A 632 -2.00 -28.51 23.11
C ASN A 632 -2.77 -27.39 23.82
N PRO A 633 -4.05 -27.65 24.15
CA PRO A 633 -4.95 -26.67 24.76
C PRO A 633 -4.51 -26.22 26.14
N HIS A 634 -3.72 -27.05 26.81
CA HIS A 634 -3.16 -26.69 28.11
C HIS A 634 -1.64 -26.87 28.10
N LEU A 635 -0.94 -26.02 27.35
CA LEU A 635 0.51 -26.11 27.25
C LEU A 635 1.18 -25.74 28.57
N LEU A 636 2.26 -26.44 28.87
CA LEU A 636 3.00 -26.24 30.09
C LEU A 636 3.96 -25.06 29.90
N GLU A 637 3.99 -24.15 30.87
CA GLU A 637 4.74 -22.92 30.72
C GLU A 637 6.12 -22.98 31.35
N LYS A 638 6.40 -24.06 32.08
CA LYS A 638 7.69 -24.21 32.74
C LYS A 638 8.81 -24.19 31.72
N LYS A 639 8.56 -24.79 30.56
CA LYS A 639 9.54 -24.87 29.49
C LYS A 639 9.82 -23.51 28.86
N ILE A 640 8.75 -22.77 28.58
CA ILE A 640 8.87 -21.46 27.95
C ILE A 640 9.51 -20.45 28.90
N THR A 641 9.01 -20.40 30.12
CA THR A 641 9.53 -19.51 31.16
C THR A 641 11.02 -19.75 31.38
N GLN A 642 11.41 -21.03 31.41
CA GLN A 642 12.81 -21.41 31.55
C GLN A 642 13.67 -20.85 30.41
N TRP A 643 13.18 -21.01 29.18
CA TRP A 643 13.90 -20.55 28.00
C TRP A 643 14.07 -19.03 28.00
N LEU A 644 13.01 -18.33 28.37
CA LEU A 644 13.03 -16.87 28.41
C LEU A 644 13.95 -16.32 29.50
N GLU A 645 13.91 -16.93 30.67
CA GLU A 645 14.66 -16.43 31.81
C GLU A 645 16.16 -16.69 31.70
N THR A 646 16.55 -17.68 30.91
CA THR A 646 17.96 -18.02 30.75
C THR A 646 18.55 -17.53 29.43
N LYS A 647 17.72 -17.44 28.39
CA LYS A 647 18.23 -17.12 27.06
C LYS A 647 17.50 -15.95 26.38
N GLY A 648 16.42 -15.50 27.01
CA GLY A 648 15.58 -14.46 26.42
C GLY A 648 16.32 -13.23 25.93
N VAL A 649 17.13 -12.64 26.80
CA VAL A 649 17.85 -11.42 26.47
C VAL A 649 18.89 -11.66 25.37
N GLU A 650 19.62 -12.77 25.48
CA GLU A 650 20.63 -13.11 24.48
C GLU A 650 20.01 -13.22 23.09
N ARG A 651 18.83 -13.83 23.01
CA ARG A 651 18.12 -13.98 21.75
C ARG A 651 17.62 -12.63 21.23
N LEU A 652 17.28 -11.73 22.14
CA LEU A 652 16.85 -10.39 21.78
C LEU A 652 17.99 -9.62 21.11
N LYS A 653 19.22 -9.88 21.55
CA LYS A 653 20.39 -9.18 21.03
C LYS A 653 20.77 -9.70 19.64
N ARG A 654 20.17 -10.80 19.24
CA ARG A 654 20.41 -11.36 17.92
C ARG A 654 19.53 -10.66 16.88
N MET A 655 18.72 -9.73 17.33
CA MET A 655 17.72 -9.13 16.45
C MET A 655 17.81 -7.61 16.33
N ALA A 656 17.38 -7.12 15.18
CA ALA A 656 17.15 -5.70 14.96
C ALA A 656 15.72 -5.55 14.46
N ILE A 657 14.88 -4.90 15.26
CA ILE A 657 13.45 -4.86 14.97
C ILE A 657 12.90 -3.45 15.00
N SER A 658 12.46 -2.97 13.85
CA SER A 658 11.89 -1.64 13.72
C SER A 658 10.48 -1.73 13.17
N GLY A 659 9.50 -1.65 14.05
CA GLY A 659 8.12 -1.82 13.66
C GLY A 659 7.89 -3.22 13.12
N ASP A 660 7.38 -3.30 11.89
CA ASP A 660 7.08 -4.58 11.27
C ASP A 660 8.31 -5.18 10.58
N ASP A 661 9.38 -4.40 10.56
CA ASP A 661 10.60 -4.82 9.90
C ASP A 661 11.55 -5.48 10.89
N CYS A 662 12.21 -6.57 10.48
CA CYS A 662 13.05 -7.31 11.40
C CYS A 662 14.25 -7.97 10.73
N VAL A 663 15.31 -8.12 11.52
CA VAL A 663 16.49 -8.88 11.12
C VAL A 663 16.85 -9.84 12.26
N VAL A 664 16.87 -11.14 11.97
CA VAL A 664 17.11 -12.14 12.99
C VAL A 664 18.29 -13.04 12.64
N LYS A 665 19.23 -13.19 13.57
CA LYS A 665 20.33 -14.13 13.40
C LYS A 665 20.25 -15.21 14.46
N PRO A 666 19.53 -16.31 14.17
CA PRO A 666 19.29 -17.43 15.07
C PRO A 666 20.56 -18.21 15.41
N ILE A 667 20.49 -19.10 16.39
CA ILE A 667 21.67 -19.83 16.84
C ILE A 667 22.09 -20.91 15.84
N ASP A 668 21.17 -21.29 14.96
CA ASP A 668 21.48 -22.12 13.80
C ASP A 668 20.43 -21.88 12.73
N ASP A 669 20.42 -22.69 11.67
CA ASP A 669 19.54 -22.40 10.53
C ASP A 669 18.26 -23.23 10.51
N ARG A 670 17.93 -23.88 11.62
CA ARG A 670 16.65 -24.56 11.75
C ARG A 670 15.53 -23.52 11.69
N PHE A 671 15.87 -22.30 12.08
CA PHE A 671 14.99 -21.13 12.02
C PHE A 671 14.32 -20.98 10.66
N ALA A 672 15.09 -21.23 9.60
CA ALA A 672 14.59 -21.10 8.23
C ALA A 672 13.36 -21.98 7.99
N ASN A 673 13.33 -23.15 8.62
CA ASN A 673 12.23 -24.09 8.46
C ASN A 673 11.18 -23.96 9.58
N ALA A 674 11.39 -23.01 10.49
CA ALA A 674 10.45 -22.80 11.59
C ALA A 674 9.31 -21.88 11.16
N LEU A 675 8.23 -22.49 10.68
CA LEU A 675 7.14 -21.74 10.06
C LEU A 675 5.79 -21.94 10.73
N LEU A 676 5.69 -22.96 11.57
CA LEU A 676 4.42 -23.32 12.21
C LEU A 676 3.84 -22.18 13.04
N ALA A 677 4.59 -21.71 14.03
CA ALA A 677 4.13 -20.66 14.92
C ALA A 677 3.95 -19.34 14.20
N LEU A 678 4.88 -19.02 13.31
CA LEU A 678 4.84 -17.76 12.57
C LEU A 678 3.56 -17.62 11.77
N ASN A 679 3.20 -18.68 11.05
CA ASN A 679 1.98 -18.67 10.24
C ASN A 679 0.74 -18.73 11.11
N ASP A 680 0.78 -19.51 12.19
CA ASP A 680 -0.38 -19.66 13.05
C ASP A 680 -0.67 -18.38 13.83
N MET A 681 0.37 -17.60 14.11
CA MET A 681 0.19 -16.30 14.75
C MET A 681 -0.46 -15.32 13.78
N GLY A 682 -0.37 -15.61 12.49
CA GLY A 682 -1.00 -14.79 11.47
C GLY A 682 -0.01 -13.92 10.73
N LYS A 683 1.25 -13.99 11.12
CA LYS A 683 2.28 -13.13 10.52
C LYS A 683 2.89 -13.79 9.30
N VAL A 684 2.05 -14.05 8.30
CA VAL A 684 2.45 -14.68 7.05
C VAL A 684 3.46 -13.82 6.28
N ARG A 685 4.52 -14.46 5.79
CA ARG A 685 5.57 -13.76 5.07
C ARG A 685 5.12 -13.28 3.70
N LYS A 686 5.80 -12.26 3.18
CA LYS A 686 5.45 -11.65 1.89
C LYS A 686 6.26 -12.27 0.75
N ASP A 687 5.55 -12.55 -0.36
CA ASP A 687 6.16 -12.98 -1.62
C ASP A 687 6.89 -14.31 -1.52
N ILE A 688 6.22 -15.29 -0.90
CA ILE A 688 6.79 -16.62 -0.72
C ILE A 688 5.67 -17.55 -0.24
N PRO A 689 5.61 -18.77 -0.79
CA PRO A 689 4.60 -19.74 -0.34
C PRO A 689 4.66 -19.96 1.17
N GLN A 690 3.50 -20.13 1.78
CA GLN A 690 3.35 -20.15 3.23
C GLN A 690 4.26 -21.15 3.94
N TRP A 691 4.62 -22.24 3.26
CA TRP A 691 5.39 -23.29 3.90
C TRP A 691 6.76 -23.51 3.26
N GLN A 692 7.17 -22.60 2.40
CA GLN A 692 8.51 -22.65 1.84
C GLN A 692 9.52 -22.02 2.81
N PRO A 693 10.60 -22.75 3.10
CA PRO A 693 11.67 -22.29 3.99
C PRO A 693 12.22 -20.91 3.61
N SER A 694 12.57 -20.12 4.61
CA SER A 694 13.11 -18.79 4.38
C SER A 694 14.54 -18.88 3.89
N LYS A 695 15.04 -17.79 3.31
CA LYS A 695 16.43 -17.73 2.87
C LYS A 695 17.09 -16.47 3.42
N GLY A 696 18.22 -16.66 4.10
CA GLY A 696 18.91 -15.56 4.73
C GLY A 696 20.23 -15.20 4.07
N TRP A 697 21.00 -14.34 4.76
CA TRP A 697 22.30 -13.90 4.28
C TRP A 697 23.35 -14.08 5.35
N HIS A 698 24.61 -14.24 4.94
CA HIS A 698 25.71 -14.21 5.90
C HIS A 698 26.54 -12.97 5.66
N ASP A 699 26.46 -12.44 4.44
CA ASP A 699 27.00 -11.13 4.15
C ASP A 699 26.01 -10.08 4.62
N TRP A 700 26.31 -9.45 5.77
CA TRP A 700 25.40 -8.50 6.39
C TRP A 700 25.11 -7.29 5.50
N GLN A 701 25.94 -7.10 4.48
CA GLN A 701 25.82 -5.96 3.58
C GLN A 701 24.72 -6.18 2.54
N GLN A 702 24.25 -7.42 2.42
CA GLN A 702 23.20 -7.75 1.47
C GLN A 702 21.84 -7.81 2.15
N VAL A 703 21.82 -7.61 3.47
CA VAL A 703 20.60 -7.74 4.25
C VAL A 703 19.74 -6.47 4.17
N PRO A 704 18.48 -6.63 3.73
CA PRO A 704 17.54 -5.50 3.67
C PRO A 704 16.98 -5.15 5.05
N PHE A 705 16.89 -3.86 5.35
CA PHE A 705 16.36 -3.40 6.63
C PHE A 705 16.00 -1.92 6.55
N CYS A 706 14.76 -1.60 6.91
CA CYS A 706 14.24 -0.24 6.84
C CYS A 706 14.46 0.38 5.46
N SER A 707 14.03 -0.35 4.44
CA SER A 707 14.13 0.08 3.04
C SER A 707 15.56 0.31 2.58
N HIS A 708 16.53 -0.30 3.26
CA HIS A 708 17.93 -0.14 2.89
C HIS A 708 18.75 -1.41 3.03
N HIS A 709 19.91 -1.41 2.37
CA HIS A 709 20.99 -2.31 2.71
C HIS A 709 22.18 -1.42 3.04
N PHE A 710 23.25 -1.99 3.58
CA PHE A 710 24.33 -1.17 4.09
C PHE A 710 25.71 -1.65 3.65
N HIS A 711 26.53 -0.73 3.17
CA HIS A 711 27.85 -1.06 2.65
C HIS A 711 28.98 -0.58 3.56
N GLU A 712 30.03 -1.39 3.65
CA GLU A 712 31.22 -1.00 4.40
C GLU A 712 32.23 -0.34 3.46
N LEU A 713 32.63 0.88 3.79
CA LEU A 713 33.56 1.62 2.95
C LEU A 713 34.83 1.99 3.70
N ILE A 714 35.96 1.51 3.19
CA ILE A 714 37.26 1.89 3.74
C ILE A 714 37.70 3.20 3.12
N MET A 715 37.87 4.22 3.95
CA MET A 715 38.31 5.52 3.47
C MET A 715 39.78 5.45 3.05
N LYS A 716 40.24 6.48 2.35
CA LYS A 716 41.66 6.59 2.01
C LYS A 716 42.48 6.73 3.28
N ASP A 717 41.86 7.33 4.29
CA ASP A 717 42.48 7.47 5.61
C ASP A 717 42.69 6.11 6.27
N GLY A 718 41.98 5.10 5.78
CA GLY A 718 42.10 3.76 6.31
C GLY A 718 40.94 3.37 7.19
N ARG A 719 40.32 4.37 7.81
CA ARG A 719 39.16 4.16 8.68
C ARG A 719 37.96 3.66 7.87
N LYS A 720 37.05 2.97 8.53
CA LYS A 720 35.90 2.38 7.86
C LYS A 720 34.59 3.09 8.17
N LEU A 721 33.77 3.26 7.13
CA LEU A 721 32.42 3.78 7.29
C LEU A 721 31.40 2.72 6.89
N VAL A 722 30.28 2.69 7.59
CA VAL A 722 29.16 1.84 7.18
C VAL A 722 27.99 2.75 6.81
N VAL A 723 27.61 2.70 5.55
CA VAL A 723 26.67 3.67 4.99
C VAL A 723 25.37 3.05 4.49
N PRO A 724 24.27 3.79 4.58
CA PRO A 724 22.99 3.31 4.05
C PRO A 724 22.92 3.39 2.53
N CYS A 725 22.20 2.48 1.91
CA CYS A 725 22.07 2.49 0.46
C CYS A 725 20.80 1.77 0.01
N ARG A 726 20.31 2.13 -1.17
CA ARG A 726 19.11 1.53 -1.74
C ARG A 726 19.14 1.74 -3.26
N PRO A 727 18.23 1.08 -4.00
CA PRO A 727 18.17 1.32 -5.45
C PRO A 727 18.07 2.81 -5.78
N GLN A 728 18.97 3.29 -6.62
CA GLN A 728 19.11 4.72 -6.90
C GLN A 728 17.84 5.34 -7.45
N ASP A 729 17.14 4.60 -8.32
CA ASP A 729 15.91 5.08 -8.92
C ASP A 729 14.84 5.39 -7.86
N GLU A 730 14.87 4.65 -6.76
CA GLU A 730 13.97 4.92 -5.65
C GLU A 730 14.28 6.27 -5.00
N LEU A 731 15.56 6.63 -5.00
CA LEU A 731 16.00 7.89 -4.43
C LEU A 731 15.77 9.05 -5.39
N ILE A 732 15.99 8.80 -6.68
CA ILE A 732 15.75 9.81 -7.70
C ILE A 732 14.26 10.13 -7.79
N GLY A 733 13.44 9.09 -7.84
CA GLY A 733 12.01 9.26 -8.06
C GLY A 733 11.28 9.93 -6.90
N ARG A 734 11.73 9.66 -5.69
CA ARG A 734 11.11 10.24 -4.50
C ARG A 734 11.35 11.74 -4.43
N ALA A 735 12.46 12.17 -5.03
CA ALA A 735 12.87 13.57 -5.00
C ALA A 735 12.23 14.40 -6.12
N ARG A 736 11.76 13.71 -7.16
CA ARG A 736 11.10 14.41 -8.27
C ARG A 736 9.59 14.52 -8.01
N ILE A 737 9.23 14.53 -6.74
CA ILE A 737 7.84 14.69 -6.32
C ILE A 737 7.77 15.73 -5.21
N SER A 738 7.19 16.90 -5.52
CA SER A 738 7.17 18.01 -4.59
C SER A 738 5.97 17.97 -3.64
N GLN A 739 6.07 18.73 -2.55
CA GLN A 739 4.98 18.83 -1.59
C GLN A 739 4.10 20.04 -1.91
N GLY A 740 2.89 20.04 -1.35
CA GLY A 740 1.94 21.10 -1.64
C GLY A 740 1.38 20.96 -3.04
N ALA A 741 0.16 20.44 -3.15
CA ALA A 741 -0.49 20.24 -4.44
C ALA A 741 -0.85 21.58 -5.07
N GLY A 742 0.16 22.27 -5.58
CA GLY A 742 0.01 23.59 -6.17
C GLY A 742 1.14 24.49 -5.73
N TRP A 743 2.31 23.87 -5.55
CA TRP A 743 3.48 24.55 -4.99
C TRP A 743 3.98 25.69 -5.86
N SER A 744 4.66 26.65 -5.23
CA SER A 744 5.25 27.78 -5.95
C SER A 744 6.60 27.38 -6.54
N LEU A 745 7.58 28.26 -6.44
CA LEU A 745 8.93 27.94 -6.92
C LEU A 745 9.96 28.13 -5.82
N ARG A 746 9.68 28.99 -4.85
CA ARG A 746 10.59 29.21 -3.73
C ARG A 746 10.56 28.02 -2.79
N GLU A 747 9.43 27.31 -2.76
CA GLU A 747 9.31 26.11 -1.94
C GLU A 747 9.82 24.87 -2.67
N THR A 748 9.48 24.74 -3.95
CA THR A 748 9.87 23.56 -4.71
C THR A 748 11.40 23.49 -4.84
N ALA A 749 12.05 24.65 -4.85
CA ALA A 749 13.50 24.69 -4.92
C ALA A 749 14.07 24.34 -3.56
N CYS A 750 13.39 24.79 -2.51
CA CYS A 750 13.80 24.52 -1.15
C CYS A 750 13.60 23.05 -0.78
N LEU A 751 12.60 22.41 -1.36
CA LEU A 751 12.40 20.98 -1.14
C LEU A 751 13.48 20.19 -1.85
N GLY A 752 13.82 20.63 -3.06
CA GLY A 752 14.86 20.00 -3.84
C GLY A 752 16.21 20.11 -3.17
N LYS A 753 16.46 21.24 -2.51
CA LYS A 753 17.72 21.45 -1.80
C LYS A 753 17.80 20.52 -0.59
N ALA A 754 16.66 20.28 0.04
CA ALA A 754 16.60 19.40 1.20
C ALA A 754 17.01 17.98 0.82
N TYR A 755 16.50 17.50 -0.32
CA TYR A 755 16.88 16.19 -0.84
C TYR A 755 18.37 16.15 -1.17
N ALA A 756 18.90 17.27 -1.65
CA ALA A 756 20.30 17.37 -2.05
C ALA A 756 21.22 17.26 -0.84
N GLN A 757 20.79 17.90 0.23
CA GLN A 757 21.47 17.87 1.50
C GLN A 757 21.44 16.48 2.13
N MET A 758 20.31 15.81 1.97
CA MET A 758 20.15 14.43 2.42
C MET A 758 21.07 13.50 1.65
N TRP A 759 21.08 13.66 0.34
CA TRP A 759 21.90 12.83 -0.54
C TRP A 759 23.38 12.98 -0.25
N SER A 760 23.81 14.18 0.15
CA SER A 760 25.23 14.41 0.39
C SER A 760 25.64 13.92 1.79
N LEU A 761 24.66 13.69 2.65
CA LEU A 761 24.93 13.25 4.01
C LEU A 761 24.78 11.74 4.17
N MET A 762 23.79 11.18 3.48
CA MET A 762 23.48 9.76 3.63
C MET A 762 23.91 8.92 2.43
N TYR A 763 23.89 9.53 1.24
CA TYR A 763 24.15 8.79 0.02
C TYR A 763 25.26 9.45 -0.79
N PHE A 764 26.22 10.05 -0.08
CA PHE A 764 27.39 10.67 -0.69
C PHE A 764 28.20 9.67 -1.50
N HIS A 765 28.07 8.40 -1.15
CA HIS A 765 28.81 7.32 -1.77
C HIS A 765 28.26 6.95 -3.15
N ARG A 766 27.07 7.45 -3.47
CA ARG A 766 26.49 7.25 -4.80
C ARG A 766 26.96 8.37 -5.73
N ARG A 767 27.70 8.01 -6.78
CA ARG A 767 28.30 8.98 -7.71
C ARG A 767 27.32 9.94 -8.36
N ASP A 768 26.22 9.40 -8.89
CA ASP A 768 25.21 10.23 -9.55
C ASP A 768 24.56 11.17 -8.54
N LEU A 769 24.31 10.67 -7.34
CA LEU A 769 23.64 11.45 -6.31
C LEU A 769 24.48 12.61 -5.81
N ARG A 770 25.74 12.35 -5.48
CA ARG A 770 26.62 13.41 -4.98
C ARG A 770 26.86 14.47 -6.04
N LEU A 771 26.84 14.05 -7.30
CA LEU A 771 26.96 14.98 -8.42
C LEU A 771 25.66 15.75 -8.60
N ALA A 772 24.54 15.04 -8.52
CA ALA A 772 23.23 15.67 -8.56
C ALA A 772 22.98 16.46 -7.27
N SER A 773 23.75 16.16 -6.24
CA SER A 773 23.69 16.90 -4.97
C SER A 773 24.36 18.26 -5.14
N ASN A 774 25.54 18.24 -5.75
CA ASN A 774 26.24 19.48 -6.05
C ASN A 774 25.60 20.26 -7.21
N ALA A 775 24.60 19.67 -7.85
CA ALA A 775 23.88 20.36 -8.92
C ALA A 775 22.70 21.16 -8.37
N ILE A 776 21.97 20.55 -7.46
CA ILE A 776 20.81 21.18 -6.86
C ILE A 776 21.23 22.34 -5.95
N CYS A 777 22.28 22.11 -5.15
CA CYS A 777 22.71 23.09 -4.16
C CYS A 777 23.33 24.36 -4.78
N SER A 778 23.85 24.24 -6.01
CA SER A 778 24.43 25.37 -6.71
C SER A 778 23.38 26.06 -7.60
N ALA A 779 22.25 25.39 -7.77
CA ALA A 779 21.14 25.93 -8.54
C ALA A 779 20.05 26.48 -7.61
N VAL A 780 20.37 26.57 -6.33
CA VAL A 780 19.45 27.08 -5.33
C VAL A 780 20.18 28.03 -4.38
N PRO A 781 19.59 29.21 -4.11
CA PRO A 781 20.23 30.25 -3.28
C PRO A 781 20.75 29.77 -1.93
N VAL A 782 21.86 30.37 -1.50
CA VAL A 782 22.48 30.03 -0.22
C VAL A 782 21.71 30.65 0.97
N HIS A 783 21.14 31.86 0.80
CA HIS A 783 20.22 32.37 1.83
C HIS A 783 18.92 31.57 1.95
N TRP A 784 18.70 30.61 1.07
CA TRP A 784 17.48 29.83 1.17
C TRP A 784 17.68 28.60 2.06
N VAL A 785 16.79 28.42 3.03
CA VAL A 785 16.86 27.29 3.96
C VAL A 785 15.90 26.20 3.51
N PRO A 786 16.40 24.96 3.39
CA PRO A 786 15.57 23.82 2.98
C PRO A 786 14.29 23.68 3.80
N THR A 787 13.15 23.75 3.11
CA THR A 787 11.85 23.71 3.75
C THR A 787 11.23 22.31 3.66
N SER A 788 10.10 22.11 4.34
CA SER A 788 9.35 20.86 4.28
C SER A 788 10.18 19.64 4.69
N ARG A 789 9.64 18.45 4.44
CA ARG A 789 10.32 17.21 4.80
C ARG A 789 10.64 16.35 3.58
N THR A 790 11.79 15.70 3.59
CA THR A 790 12.19 14.79 2.53
C THR A 790 11.25 13.60 2.47
N THR A 791 11.45 12.67 3.39
CA THR A 791 10.58 11.51 3.54
C THR A 791 10.13 11.48 5.01
N TRP A 792 9.02 10.81 5.31
CA TRP A 792 8.59 10.63 6.69
C TRP A 792 9.01 9.26 7.21
N SER A 793 10.16 9.21 7.87
CA SER A 793 10.64 8.00 8.51
C SER A 793 11.12 8.34 9.91
N ILE A 794 10.86 7.44 10.87
CA ILE A 794 11.30 7.68 12.24
C ILE A 794 12.81 7.57 12.38
N HIS A 795 13.47 7.04 11.34
CA HIS A 795 14.91 6.88 11.37
C HIS A 795 15.60 8.10 10.76
N ALA A 796 14.79 8.98 10.18
CA ALA A 796 15.31 10.21 9.61
C ALA A 796 15.47 11.27 10.71
N HIS A 797 16.70 11.64 10.99
CA HIS A 797 16.98 12.65 12.00
C HIS A 797 17.14 14.03 11.37
N HIS A 798 17.00 14.08 10.05
CA HIS A 798 16.92 15.33 9.30
C HIS A 798 18.08 16.30 9.58
N GLN A 799 19.30 15.79 9.66
CA GLN A 799 20.47 16.63 9.87
C GLN A 799 20.81 17.44 8.62
N TRP A 800 20.00 17.28 7.59
CA TRP A 800 20.24 17.89 6.28
C TRP A 800 19.38 19.12 6.04
N MET A 801 18.75 19.64 7.08
CA MET A 801 17.92 20.83 6.92
C MET A 801 18.53 22.00 7.68
N THR A 802 19.81 22.29 7.42
CA THR A 802 20.54 23.18 8.32
C THR A 802 21.26 24.39 7.77
N THR A 803 21.46 25.29 8.72
CA THR A 803 22.25 26.50 8.58
C THR A 803 23.60 26.33 7.87
N GLU A 804 24.17 25.13 7.96
CA GLU A 804 25.63 24.94 7.91
C GLU A 804 26.26 24.24 6.69
N ASP A 805 27.59 24.25 6.66
CA ASP A 805 28.35 23.66 5.57
C ASP A 805 28.24 22.13 5.59
N MET A 806 28.16 21.55 4.41
CA MET A 806 27.73 20.16 4.27
C MET A 806 28.88 19.24 4.66
N LEU A 807 30.12 19.73 4.50
CA LEU A 807 31.28 18.97 4.94
C LEU A 807 31.43 18.99 6.46
N THR A 808 31.05 20.09 7.09
CA THR A 808 31.17 20.20 8.53
C THR A 808 30.07 19.42 9.22
N VAL A 809 28.91 19.35 8.58
CA VAL A 809 27.80 18.51 9.06
C VAL A 809 28.17 17.05 8.92
N TRP A 810 28.80 16.72 7.79
CA TRP A 810 29.23 15.36 7.49
C TRP A 810 30.22 14.84 8.54
N ASN A 811 31.18 15.67 8.90
CA ASN A 811 32.19 15.31 9.89
C ASN A 811 31.57 15.02 11.26
N ARG A 812 30.59 15.84 11.62
CA ARG A 812 29.92 15.68 12.91
C ARG A 812 29.19 14.34 12.98
N VAL A 813 28.51 13.98 11.91
CA VAL A 813 27.73 12.75 11.88
C VAL A 813 28.59 11.49 11.82
N TRP A 814 29.52 11.45 10.86
CA TRP A 814 30.23 10.21 10.54
C TRP A 814 31.52 9.98 11.30
N ILE A 815 32.08 11.04 11.88
CA ILE A 815 33.36 10.93 12.56
C ILE A 815 33.25 11.26 14.05
N GLU A 816 32.73 12.45 14.34
CA GLU A 816 32.78 13.00 15.69
C GLU A 816 31.82 12.33 16.67
N GLU A 817 30.54 12.21 16.29
CA GLU A 817 29.56 11.57 17.16
C GLU A 817 29.22 10.14 16.73
N ASN A 818 30.08 9.55 15.91
CA ASN A 818 29.93 8.15 15.52
C ASN A 818 30.70 7.23 16.46
N PRO A 819 29.96 6.46 17.28
CA PRO A 819 30.57 5.59 18.30
C PRO A 819 31.39 4.44 17.72
N TRP A 820 31.19 4.15 16.43
CA TRP A 820 31.93 3.09 15.77
C TRP A 820 33.14 3.64 15.02
N MET A 821 33.45 4.91 15.25
CA MET A 821 34.63 5.54 14.66
C MET A 821 35.61 5.91 15.76
N GLU A 822 36.58 5.03 16.02
CA GLU A 822 37.56 5.24 17.07
C GLU A 822 38.34 6.56 16.91
N ASP A 823 39.20 6.63 15.89
CA ASP A 823 40.00 7.84 15.65
C ASP A 823 39.04 8.94 15.18
N LYS A 824 39.24 10.15 15.69
CA LYS A 824 38.29 11.24 15.51
C LYS A 824 38.78 12.38 14.63
N THR A 825 39.95 12.23 14.00
CA THR A 825 40.52 13.32 13.24
C THR A 825 39.71 13.59 11.97
N PRO A 826 39.18 14.82 11.85
CA PRO A 826 38.25 15.30 10.81
C PRO A 826 38.74 15.13 9.39
N VAL A 827 37.83 15.27 8.44
CA VAL A 827 38.16 15.17 7.02
C VAL A 827 38.07 16.56 6.39
N THR A 828 39.17 17.00 5.78
CA THR A 828 39.25 18.36 5.25
C THR A 828 38.66 18.51 3.85
N THR A 829 38.72 17.44 3.06
CA THR A 829 38.27 17.51 1.67
C THR A 829 37.21 16.46 1.32
N TRP A 830 36.40 16.76 0.31
CA TRP A 830 35.29 15.89 -0.08
C TRP A 830 35.69 14.57 -0.78
N GLU A 831 36.94 14.43 -1.22
CA GLU A 831 37.34 13.20 -1.91
C GLU A 831 38.24 12.25 -1.13
N ASN A 832 38.22 12.38 0.19
CA ASN A 832 38.57 11.28 1.10
C ASN A 832 37.27 10.85 1.79
N VAL A 833 36.20 11.54 1.42
CA VAL A 833 34.84 11.03 1.57
C VAL A 833 34.58 10.15 0.36
N PRO A 834 34.63 8.83 0.54
CA PRO A 834 34.70 7.87 -0.55
C PRO A 834 33.37 7.60 -1.24
N TYR A 835 33.45 7.06 -2.45
CA TYR A 835 32.28 6.54 -3.15
C TYR A 835 32.16 5.04 -2.87
N LEU A 836 31.13 4.42 -3.43
CA LEU A 836 31.03 2.97 -3.44
C LEU A 836 32.04 2.42 -4.44
N GLY A 837 32.33 1.13 -4.37
CA GLY A 837 33.08 0.47 -5.42
C GLY A 837 32.28 0.67 -6.69
N LYS A 838 32.94 0.87 -7.82
CA LYS A 838 32.24 1.37 -8.99
C LYS A 838 31.24 0.35 -9.50
N ARG A 839 31.63 -0.91 -9.54
CA ARG A 839 30.74 -1.99 -9.93
C ARG A 839 29.57 -2.11 -8.94
N GLU A 840 29.88 -1.81 -7.68
CA GLU A 840 28.87 -1.86 -6.62
C GLU A 840 27.85 -0.75 -6.83
N ASP A 841 28.34 0.38 -7.37
CA ASP A 841 27.48 1.52 -7.68
C ASP A 841 26.51 1.14 -8.79
N GLN A 842 27.04 0.57 -9.88
CA GLN A 842 26.21 0.17 -11.03
C GLN A 842 25.17 -0.87 -10.63
N TRP A 843 25.57 -1.79 -9.75
CA TRP A 843 24.68 -2.86 -9.31
C TRP A 843 23.49 -2.33 -8.51
N CYS A 844 23.66 -1.15 -7.91
CA CYS A 844 22.60 -0.55 -7.10
C CYS A 844 21.84 0.53 -7.86
N GLY A 845 22.02 0.56 -9.19
CA GLY A 845 21.23 1.43 -10.03
C GLY A 845 21.95 2.62 -10.64
N SER A 846 23.25 2.72 -10.43
CA SER A 846 24.02 3.83 -10.99
C SER A 846 24.00 3.80 -12.50
N LEU A 847 23.99 4.97 -13.12
CA LEU A 847 23.88 5.08 -14.56
C LEU A 847 25.22 5.41 -15.21
N ILE A 848 26.28 5.45 -14.41
CA ILE A 848 27.60 5.89 -14.89
C ILE A 848 28.16 5.05 -16.04
N GLY A 849 27.55 3.90 -16.31
CA GLY A 849 27.94 3.08 -17.44
C GLY A 849 27.46 3.66 -18.76
N LEU A 850 26.18 4.00 -18.82
CA LEU A 850 25.58 4.55 -20.03
C LEU A 850 26.25 5.84 -20.47
N THR A 851 26.25 6.09 -21.78
CA THR A 851 26.79 7.33 -22.33
C THR A 851 25.82 8.48 -22.11
N SER A 852 24.55 8.13 -21.84
CA SER A 852 23.53 9.12 -21.57
C SER A 852 23.80 9.84 -20.25
N ARG A 853 24.52 9.16 -19.35
CA ARG A 853 24.90 9.75 -18.08
C ARG A 853 26.09 10.68 -18.26
N ALA A 854 27.06 10.23 -19.05
CA ALA A 854 28.28 11.01 -19.31
C ALA A 854 27.95 12.29 -20.08
N THR A 855 26.88 12.24 -20.87
CA THR A 855 26.41 13.40 -21.62
C THR A 855 25.65 14.34 -20.69
N TRP A 856 24.81 13.76 -19.82
CA TRP A 856 24.17 14.51 -18.75
C TRP A 856 25.24 15.17 -17.88
N ALA A 857 26.39 14.52 -17.82
CA ALA A 857 27.50 14.95 -16.97
C ALA A 857 28.26 16.16 -17.49
N GLN A 858 28.09 16.50 -18.78
CA GLN A 858 28.74 17.69 -19.37
C GLN A 858 27.75 18.80 -19.62
N ASN A 859 26.47 18.45 -19.70
CA ASN A 859 25.46 19.47 -19.79
C ASN A 859 25.20 20.00 -18.36
N ILE A 860 26.13 19.70 -17.45
CA ILE A 860 26.06 20.16 -16.07
C ILE A 860 25.69 21.66 -15.89
N PRO A 861 26.49 22.64 -16.35
CA PRO A 861 26.22 23.94 -15.74
C PRO A 861 25.19 24.70 -16.58
N THR A 862 24.86 24.11 -17.72
CA THR A 862 23.79 24.57 -18.59
C THR A 862 22.49 24.32 -17.87
N ALA A 863 22.36 23.09 -17.36
CA ALA A 863 21.20 22.71 -16.57
C ALA A 863 21.12 23.55 -15.30
N ILE A 864 22.26 23.78 -14.67
CA ILE A 864 22.31 24.70 -13.54
C ILE A 864 21.79 26.06 -13.99
N GLN A 865 22.41 26.60 -15.04
CA GLN A 865 22.03 27.90 -15.59
C GLN A 865 20.54 27.98 -15.94
N GLN A 866 19.97 26.86 -16.35
CA GLN A 866 18.55 26.84 -16.73
C GLN A 866 17.59 27.07 -15.55
N VAL A 867 17.83 26.43 -14.41
CA VAL A 867 17.00 26.63 -13.21
C VAL A 867 17.26 27.97 -12.52
N ARG A 868 18.52 28.38 -12.40
CA ARG A 868 18.81 29.67 -11.77
C ARG A 868 18.24 30.81 -12.62
N SER A 869 17.86 30.50 -13.85
CA SER A 869 17.19 31.47 -14.70
C SER A 869 15.71 31.57 -14.34
N LEU A 870 15.12 30.45 -13.92
CA LEU A 870 13.74 30.44 -13.46
C LEU A 870 13.61 31.15 -12.11
N ILE A 871 14.50 30.84 -11.19
CA ILE A 871 14.43 31.36 -9.84
C ILE A 871 14.58 32.88 -9.80
N GLY A 872 15.63 33.39 -10.46
CA GLY A 872 15.87 34.83 -10.48
C GLY A 872 17.29 35.19 -10.12
N ASN A 873 17.51 36.39 -9.60
CA ASN A 873 18.83 36.81 -9.19
C ASN A 873 18.98 36.87 -7.68
N GLU A 874 19.42 35.73 -7.13
CA GLU A 874 19.86 35.64 -5.74
C GLU A 874 21.23 34.96 -5.63
N GLU A 875 21.48 34.41 -4.43
CA GLU A 875 22.73 33.84 -3.95
C GLU A 875 23.03 32.50 -4.62
N PHE A 876 23.80 32.47 -5.70
CA PHE A 876 24.20 31.14 -6.14
C PHE A 876 25.69 30.98 -5.88
N LEU A 877 26.05 29.77 -5.44
CA LEU A 877 27.43 29.35 -5.30
C LEU A 877 27.64 28.24 -6.30
N ASP A 878 28.84 27.68 -6.41
CA ASP A 878 28.98 26.52 -7.29
C ASP A 878 29.66 25.36 -6.57
N TYR A 879 29.09 24.20 -6.83
CA TYR A 879 29.38 22.97 -6.12
C TYR A 879 29.94 21.99 -7.14
N MET A 880 31.05 21.33 -6.83
CA MET A 880 31.61 20.39 -7.79
C MET A 880 31.20 18.96 -7.50
ZN ZN B . -12.94 8.71 22.72
ZN ZN C . 23.91 -0.42 -2.39
N SAH D . -13.39 -13.01 -19.43
CA SAH D . -12.14 -13.70 -19.71
CB SAH D . -11.68 -13.48 -21.14
CG SAH D . -12.64 -14.03 -22.20
SD SAH D . -12.01 -13.81 -23.88
C SAH D . -11.04 -13.28 -18.74
O SAH D . -9.96 -13.88 -18.70
OXT SAH D . -11.22 -12.34 -17.96
C5' SAH D . -13.43 -14.74 -24.52
C4' SAH D . -13.24 -16.25 -24.42
O4' SAH D . -14.43 -16.92 -24.81
C3' SAH D . -12.13 -16.77 -25.32
O3' SAH D . -11.10 -17.31 -24.52
C2' SAH D . -12.77 -17.87 -26.15
O2' SAH D . -11.95 -19.02 -26.19
C1' SAH D . -14.07 -18.15 -25.42
N9 SAH D . -15.10 -18.63 -26.34
C8 SAH D . -15.23 -18.31 -27.67
N7 SAH D . -16.30 -18.97 -28.16
C5 SAH D . -16.84 -19.71 -27.17
C6 SAH D . -17.94 -20.57 -27.13
N6 SAH D . -18.66 -20.78 -28.23
N1 SAH D . -18.26 -21.21 -25.96
C2 SAH D . -17.50 -20.99 -24.82
N3 SAH D . -16.41 -20.14 -24.86
C4 SAH D . -16.09 -19.51 -26.03
PG GTP E . -4.61 -8.02 -31.17
O1G GTP E . -5.84 -8.65 -31.78
O2G GTP E . -3.41 -8.22 -32.07
O3G GTP E . -4.32 -8.64 -29.83
O3B GTP E . -4.84 -6.43 -31.00
PB GTP E . -5.72 -5.62 -32.08
O1B GTP E . -5.78 -4.16 -31.69
O2B GTP E . -5.12 -5.79 -33.45
O3A GTP E . -7.19 -6.28 -31.96
PA GTP E . -8.00 -6.78 -33.26
O1A GTP E . -7.11 -7.54 -34.20
O2A GTP E . -9.17 -7.64 -32.83
O5' GTP E . -8.53 -5.43 -33.96
C5' GTP E . -9.92 -5.22 -34.16
C4' GTP E . -10.20 -4.64 -35.54
O4' GTP E . -9.14 -3.78 -35.93
C3' GTP E . -10.30 -5.69 -36.64
O3' GTP E . -11.64 -6.09 -36.81
C2' GTP E . -9.81 -4.96 -37.86
O2' GTP E . -10.90 -4.40 -38.56
C1' GTP E . -8.93 -3.84 -37.33
N9 GTP E . -7.52 -4.16 -37.60
C8 GTP E . -6.82 -5.20 -37.06
N7 GTP E . -5.55 -5.16 -37.54
C5 GTP E . -5.44 -4.10 -38.38
C6 GTP E . -4.38 -3.62 -39.13
O6 GTP E . -3.29 -4.17 -39.10
N1 GTP E . -4.56 -2.49 -39.91
C2 GTP E . -5.79 -1.86 -39.94
N2 GTP E . -5.97 -0.78 -40.69
N3 GTP E . -6.84 -2.36 -39.19
C4 GTP E . -6.67 -3.47 -38.43
MG MG F . 12.51 -6.27 6.04
MG MG G . -3.66 -6.83 -33.40
C FMT H . -3.30 -17.93 6.45
O1 FMT H . -3.42 -19.09 6.83
O2 FMT H . -4.01 -17.00 6.83
C FMT I . 0.78 -14.76 0.56
O1 FMT I . 0.70 -15.94 0.88
O2 FMT I . 1.67 -14.00 0.94
C FMT J . -1.67 -11.68 -19.85
O1 FMT J . -0.99 -12.43 -19.16
O2 FMT J . -1.80 -10.47 -19.65
C1 GOL K . -9.98 -9.94 -2.46
O1 GOL K . -8.60 -9.97 -2.79
C2 GOL K . -10.17 -10.00 -0.95
O2 GOL K . -10.81 -8.84 -0.49
C3 GOL K . -8.84 -10.19 -0.23
O3 GOL K . -8.95 -11.27 0.66
#